data_4QLA
#
_entry.id   4QLA
#
_cell.length_a   161.404
_cell.length_b   51.466
_cell.length_c   124.449
_cell.angle_alpha   90.00
_cell.angle_beta   122.68
_cell.angle_gamma   90.00
#
_symmetry.space_group_name_H-M   'C 1 2 1'
#
loop_
_entity.id
_entity.type
_entity.pdbx_description
1 polymer 'Juvenile hormone epoxide hydrolase'
2 non-polymer 'PENTAETHYLENE GLYCOL'
3 water water
#
_entity_poly.entity_id   1
_entity_poly.type   'polypeptide(L)'
_entity_poly.pdbx_seq_one_letter_code
;MHHHHHHGVLKSPPPMPKLDLEEWWGPPELKQKQDTSIKPFEITFSETMVKELKERIKKRRPFAPPLEGVGFKYGFNSKQ
LDSWLKYWAEEYPFAERQKFLNQYPHFKTNIQGLNIHFMRITPKVPKGVEIVPLLLLHGWPGSVREFYEAIPHLTAVSKD
RNFALEIIAPSLPGYGFSDAAVRPGLAAAEVAVIFKNLMARLGYKQYYVQGGDWGALIGSAMATFFPKEIIGFHSNMALT
LSPAATFLEFVGALFPSLIVEPELANRLYPLSEKYSTLLEELGYMHIQATKPDTVGIGLTDSPAGLLAYILEKFSTWTNP
DLRSKEDGGLSYRWTKDQLIDNLMLYWSTKSIVTSMRLYAESFSSRHFDLKLDEIQVQVPTWVLQAKHELAYQPPCILKM
KYPKLVNASVIEDGGHFLAFELPEIFAKDVLKAIGEFRKLKNVKTEL
;
_entity_poly.pdbx_strand_id   A,B
#
# COMPACT_ATOMS: atom_id res chain seq x y z
N LEU A 19 -4.78 -28.30 16.22
CA LEU A 19 -3.45 -27.80 16.67
C LEU A 19 -2.32 -28.76 16.26
N ASP A 20 -1.73 -28.49 15.10
CA ASP A 20 -0.69 -29.35 14.52
C ASP A 20 0.71 -28.84 14.84
N LEU A 21 1.46 -29.64 15.60
CA LEU A 21 2.77 -29.25 16.13
C LEU A 21 3.95 -29.65 15.24
N GLU A 22 3.68 -30.46 14.22
CA GLU A 22 4.74 -30.97 13.33
C GLU A 22 4.59 -30.50 11.88
N GLU A 23 3.69 -29.55 11.67
CA GLU A 23 3.40 -29.00 10.34
C GLU A 23 4.67 -28.48 9.64
N TRP A 24 4.82 -28.82 8.37
CA TRP A 24 6.04 -28.51 7.61
C TRP A 24 5.87 -27.30 6.72
N TRP A 25 6.74 -26.31 6.92
CA TRP A 25 6.65 -25.06 6.16
C TRP A 25 7.75 -24.86 5.15
N GLY A 26 8.76 -25.71 5.16
CA GLY A 26 9.86 -25.57 4.20
C GLY A 26 9.63 -26.40 2.95
N PRO A 27 10.64 -26.48 2.06
CA PRO A 27 10.57 -27.39 0.92
C PRO A 27 10.32 -28.82 1.42
N PRO A 28 9.29 -29.50 0.84
CA PRO A 28 8.83 -30.79 1.34
C PRO A 28 9.86 -31.93 1.27
N GLU A 29 10.78 -31.86 0.30
CA GLU A 29 11.77 -32.93 0.12
C GLU A 29 12.82 -33.01 1.24
N LEU A 30 12.96 -31.94 2.01
CA LEU A 30 13.90 -31.91 3.13
C LEU A 30 13.35 -32.42 4.47
N LYS A 31 12.12 -32.94 4.48
CA LYS A 31 11.50 -33.49 5.72
C LYS A 31 12.32 -34.63 6.34
N GLN A 32 12.93 -35.46 5.49
CA GLN A 32 13.74 -36.57 5.96
C GLN A 32 15.22 -36.21 6.08
N LYS A 33 15.57 -34.99 5.68
CA LYS A 33 16.94 -34.48 5.79
C LYS A 33 17.05 -33.26 6.73
N GLN A 34 16.30 -33.27 7.83
CA GLN A 34 16.31 -32.14 8.76
C GLN A 34 17.56 -32.15 9.64
N ASP A 35 18.37 -31.10 9.49
CA ASP A 35 19.48 -30.82 10.39
C ASP A 35 18.95 -30.03 11.58
N THR A 36 19.06 -30.60 12.77
CA THR A 36 18.43 -30.06 13.97
C THR A 36 19.42 -29.37 14.93
N SER A 37 20.63 -29.12 14.46
CA SER A 37 21.65 -28.52 15.32
C SER A 37 21.44 -27.01 15.50
N ILE A 38 22.11 -26.45 16.49
CA ILE A 38 22.11 -25.02 16.76
C ILE A 38 23.41 -24.42 16.21
N LYS A 39 23.32 -23.78 15.05
CA LYS A 39 24.50 -23.29 14.34
C LYS A 39 24.80 -21.83 14.66
N PRO A 40 26.05 -21.51 15.06
CA PRO A 40 26.44 -20.11 15.24
C PRO A 40 26.38 -19.37 13.91
N PHE A 41 26.08 -18.08 13.96
CA PHE A 41 25.78 -17.31 12.76
C PHE A 41 26.30 -15.87 12.87
N GLU A 42 26.96 -15.41 11.80
CA GLU A 42 27.48 -14.05 11.72
C GLU A 42 26.70 -13.25 10.68
N ILE A 43 26.20 -12.08 11.09
CA ILE A 43 25.62 -11.12 10.14
C ILE A 43 26.76 -10.50 9.32
N THR A 44 26.59 -10.47 8.00
CA THR A 44 27.60 -9.91 7.12
C THR A 44 26.98 -8.99 6.08
N PHE A 45 27.58 -7.81 5.91
CA PHE A 45 27.24 -6.93 4.82
C PHE A 45 28.31 -7.10 3.75
N SER A 46 28.12 -8.10 2.89
CA SER A 46 29.13 -8.46 1.89
C SER A 46 29.44 -7.27 0.97
N GLU A 47 30.67 -7.22 0.49
CA GLU A 47 31.14 -6.07 -0.30
C GLU A 47 30.41 -5.87 -1.64
N THR A 48 30.00 -6.95 -2.29
CA THR A 48 29.21 -6.83 -3.52
C THR A 48 27.82 -6.27 -3.21
N MET A 49 27.21 -6.71 -2.11
CA MET A 49 25.92 -6.17 -1.67
C MET A 49 26.01 -4.67 -1.42
N VAL A 50 27.03 -4.27 -0.65
CA VAL A 50 27.25 -2.86 -0.32
C VAL A 50 27.53 -2.00 -1.56
N LYS A 51 28.38 -2.52 -2.45
CA LYS A 51 28.67 -1.83 -3.71
C LYS A 51 27.41 -1.65 -4.55
N GLU A 52 26.64 -2.74 -4.73
CA GLU A 52 25.40 -2.69 -5.51
C GLU A 52 24.38 -1.73 -4.90
N LEU A 53 24.30 -1.69 -3.57
CA LEU A 53 23.39 -0.80 -2.88
C LEU A 53 23.76 0.66 -3.12
N LYS A 54 25.04 0.99 -2.94
CA LYS A 54 25.54 2.34 -3.18
C LYS A 54 25.17 2.87 -4.57
N GLU A 55 25.40 2.05 -5.59
CA GLU A 55 25.18 2.49 -6.97
C GLU A 55 23.71 2.57 -7.35
N ARG A 56 22.87 1.79 -6.68
CA ARG A 56 21.42 1.85 -6.86
C ARG A 56 20.85 3.14 -6.25
N ILE A 57 21.47 3.59 -5.16
CA ILE A 57 21.13 4.89 -4.58
C ILE A 57 21.63 6.04 -5.45
N LYS A 58 22.89 5.94 -5.91
CA LYS A 58 23.50 6.98 -6.75
C LYS A 58 22.71 7.25 -8.05
N LYS A 59 22.31 6.17 -8.70
CA LYS A 59 21.62 6.24 -9.99
C LYS A 59 20.09 6.34 -9.82
N ARG A 60 19.63 7.08 -8.82
CA ARG A 60 18.19 7.17 -8.56
C ARG A 60 17.48 8.12 -9.52
N ARG A 61 16.15 8.00 -9.56
CA ARG A 61 15.31 8.84 -10.39
C ARG A 61 14.87 10.13 -9.67
N PRO A 62 14.58 11.20 -10.44
CA PRO A 62 13.96 12.36 -9.81
C PRO A 62 12.55 11.98 -9.35
N PHE A 63 12.15 12.49 -8.19
CA PHE A 63 10.84 12.18 -7.65
C PHE A 63 9.91 13.37 -7.82
N ALA A 64 8.62 13.11 -7.98
CA ALA A 64 7.63 14.17 -8.06
C ALA A 64 7.82 15.07 -6.84
N PRO A 65 7.86 16.40 -7.05
CA PRO A 65 7.96 17.29 -5.91
C PRO A 65 6.73 17.14 -5.02
N PRO A 66 6.90 17.28 -3.69
CA PRO A 66 5.73 17.17 -2.83
C PRO A 66 4.86 18.43 -2.98
N LEU A 67 3.64 18.38 -2.44
CA LEU A 67 2.82 19.59 -2.33
C LEU A 67 3.43 20.49 -1.26
N GLU A 68 3.42 21.81 -1.47
CA GLU A 68 4.13 22.73 -0.57
C GLU A 68 3.46 22.89 0.78
N GLY A 69 4.28 22.85 1.84
CA GLY A 69 3.81 23.06 3.21
C GLY A 69 2.93 21.97 3.80
N VAL A 70 2.88 20.78 3.19
CA VAL A 70 2.04 19.69 3.71
C VAL A 70 2.69 18.71 4.68
N GLY A 71 3.99 18.72 4.79
CA GLY A 71 4.68 17.86 5.76
C GLY A 71 4.68 16.40 5.33
N PHE A 72 4.13 15.55 6.20
CA PHE A 72 4.05 14.10 5.94
C PHE A 72 2.60 13.63 5.76
N LYS A 73 1.67 14.57 5.64
CA LYS A 73 0.23 14.27 5.62
C LYS A 73 -0.23 13.48 4.39
N TYR A 74 0.58 13.50 3.33
CA TYR A 74 0.32 12.71 2.13
C TYR A 74 1.24 11.50 2.07
N GLY A 75 1.94 11.26 3.18
CA GLY A 75 3.00 10.26 3.24
C GLY A 75 4.37 10.89 3.16
N PHE A 76 5.39 10.06 3.03
CA PHE A 76 6.78 10.49 3.03
C PHE A 76 7.02 11.70 2.12
N ASN A 77 7.64 12.74 2.67
CA ASN A 77 7.96 13.93 1.92
C ASN A 77 9.18 13.68 1.02
N SER A 78 8.96 13.68 -0.30
CA SER A 78 10.01 13.36 -1.27
C SER A 78 11.25 14.25 -1.19
N LYS A 79 11.08 15.49 -0.74
CA LYS A 79 12.22 16.40 -0.52
C LYS A 79 13.21 15.88 0.52
N GLN A 80 12.73 15.05 1.43
CA GLN A 80 13.58 14.47 2.48
C GLN A 80 14.40 13.29 2.01
N LEU A 81 14.13 12.82 0.80
CA LEU A 81 14.80 11.62 0.28
C LEU A 81 16.26 11.86 -0.06
N ASP A 82 16.60 13.05 -0.51
CA ASP A 82 17.97 13.31 -0.84
C ASP A 82 18.90 13.16 0.33
N SER A 83 18.58 13.79 1.42
CA SER A 83 19.46 13.72 2.60
C SER A 83 19.60 12.31 3.18
N TRP A 84 18.52 11.54 3.19
CA TRP A 84 18.57 10.16 3.70
C TRP A 84 19.36 9.25 2.80
N LEU A 85 19.11 9.35 1.51
CA LEU A 85 19.79 8.49 0.55
C LEU A 85 21.28 8.83 0.43
N LYS A 86 21.60 10.12 0.46
CA LYS A 86 23.00 10.56 0.46
C LYS A 86 23.71 10.01 1.70
N TYR A 87 23.08 10.15 2.86
CA TYR A 87 23.64 9.62 4.09
C TYR A 87 23.90 8.12 4.02
N TRP A 88 22.91 7.36 3.54
CA TRP A 88 22.99 5.90 3.42
C TRP A 88 24.12 5.47 2.52
N ALA A 89 24.30 6.16 1.41
CA ALA A 89 25.32 5.80 0.43
C ALA A 89 26.75 6.20 0.83
N GLU A 90 26.90 7.34 1.50
CA GLU A 90 28.21 7.96 1.73
C GLU A 90 28.69 7.96 3.18
N GLU A 91 27.76 8.05 4.12
CA GLU A 91 28.13 8.28 5.53
C GLU A 91 27.92 7.07 6.45
N TYR A 92 26.88 6.29 6.18
CA TYR A 92 26.56 5.12 6.99
C TYR A 92 27.72 4.11 7.02
N PRO A 93 28.29 3.87 8.22
CA PRO A 93 29.50 3.03 8.35
C PRO A 93 29.24 1.52 8.32
N PHE A 94 29.15 0.95 7.11
CA PHE A 94 28.77 -0.45 6.93
C PHE A 94 29.59 -1.45 7.76
N ALA A 95 30.89 -1.23 7.82
CA ALA A 95 31.79 -2.11 8.57
C ALA A 95 31.57 -2.02 10.08
N GLU A 96 31.49 -0.78 10.57
CA GLU A 96 31.21 -0.51 11.98
C GLU A 96 29.84 -1.04 12.42
N ARG A 97 28.86 -0.89 11.52
CA ARG A 97 27.49 -1.30 11.85
C ARG A 97 27.37 -2.82 11.89
N GLN A 98 28.08 -3.49 11.00
CA GLN A 98 28.18 -4.95 11.04
C GLN A 98 28.75 -5.39 12.38
N LYS A 99 29.78 -4.69 12.85
CA LYS A 99 30.36 -4.95 14.16
C LYS A 99 29.37 -4.68 15.29
N PHE A 100 28.61 -3.59 15.19
CA PHE A 100 27.55 -3.27 16.15
C PHE A 100 26.50 -4.39 16.23
N LEU A 101 26.07 -4.90 15.07
CA LEU A 101 25.04 -5.92 15.03
C LEU A 101 25.52 -7.26 15.57
N ASN A 102 26.83 -7.52 15.42
CA ASN A 102 27.43 -8.77 15.87
C ASN A 102 27.93 -8.79 17.33
N GLN A 103 27.69 -7.72 18.07
CA GLN A 103 28.11 -7.63 19.48
C GLN A 103 27.40 -8.65 20.37
N TYR A 104 26.37 -9.28 19.83
CA TYR A 104 25.64 -10.34 20.54
C TYR A 104 25.69 -11.63 19.74
N PRO A 105 25.45 -12.73 20.40
CA PRO A 105 25.47 -14.04 19.75
C PRO A 105 24.24 -14.40 18.93
N HIS A 106 24.46 -14.79 17.68
CA HIS A 106 23.38 -15.22 16.80
C HIS A 106 23.47 -16.69 16.51
N PHE A 107 22.33 -17.28 16.16
CA PHE A 107 22.23 -18.66 15.86
C PHE A 107 21.10 -18.95 14.91
N LYS A 108 21.16 -20.12 14.33
CA LYS A 108 20.13 -20.63 13.48
C LYS A 108 19.90 -22.09 13.77
N THR A 109 18.67 -22.52 13.70
CA THR A 109 18.31 -23.92 13.88
C THR A 109 17.02 -24.17 13.11
N ASN A 110 16.90 -25.35 12.49
CA ASN A 110 15.74 -25.63 11.67
C ASN A 110 14.53 -26.09 12.49
N ILE A 111 13.50 -25.26 12.49
CA ILE A 111 12.20 -25.60 13.07
C ILE A 111 11.17 -25.75 11.95
N GLN A 112 10.60 -26.95 11.81
CA GLN A 112 9.51 -27.24 10.87
C GLN A 112 9.84 -26.83 9.43
N GLY A 113 11.07 -27.11 9.00
CA GLY A 113 11.46 -26.82 7.63
C GLY A 113 12.08 -25.46 7.45
N LEU A 114 11.92 -24.60 8.46
CA LEU A 114 12.44 -23.24 8.37
C LEU A 114 13.65 -23.05 9.27
N ASN A 115 14.72 -22.52 8.69
CA ASN A 115 15.86 -22.07 9.49
C ASN A 115 15.53 -20.74 10.17
N ILE A 116 15.31 -20.83 11.48
CA ILE A 116 14.94 -19.70 12.33
C ILE A 116 16.17 -19.07 12.96
N HIS A 117 16.32 -17.76 12.79
CA HIS A 117 17.38 -17.02 13.47
C HIS A 117 16.95 -16.52 14.82
N PHE A 118 17.86 -16.59 15.80
CA PHE A 118 17.64 -15.95 17.12
C PHE A 118 18.92 -15.40 17.75
N MET A 119 18.78 -14.27 18.45
CA MET A 119 19.81 -13.75 19.35
C MET A 119 19.66 -14.43 20.70
N ARG A 120 20.79 -14.71 21.34
CA ARG A 120 20.77 -15.25 22.69
C ARG A 120 21.80 -14.52 23.55
N ILE A 121 21.32 -13.87 24.60
CA ILE A 121 22.19 -13.15 25.52
C ILE A 121 22.04 -13.78 26.90
N THR A 122 23.15 -14.30 27.41
CA THR A 122 23.17 -14.94 28.72
C THR A 122 24.06 -14.14 29.67
N PRO A 123 23.50 -13.64 30.78
CA PRO A 123 24.30 -12.84 31.70
C PRO A 123 25.21 -13.72 32.56
N LYS A 124 26.34 -13.16 33.00
CA LYS A 124 27.17 -13.81 34.01
C LYS A 124 26.69 -13.37 35.39
N VAL A 125 26.56 -14.35 36.27
CA VAL A 125 25.77 -14.17 37.48
C VAL A 125 26.51 -14.61 38.75
N PRO A 126 26.43 -13.79 39.82
CA PRO A 126 26.97 -14.21 41.12
C PRO A 126 26.07 -15.26 41.77
N LYS A 127 26.66 -16.08 42.64
CA LYS A 127 25.92 -17.05 43.44
C LYS A 127 24.78 -16.36 44.19
N GLY A 128 23.59 -16.96 44.14
CA GLY A 128 22.41 -16.39 44.78
C GLY A 128 21.54 -15.60 43.82
N VAL A 129 21.92 -15.57 42.55
CA VAL A 129 21.11 -14.94 41.50
C VAL A 129 20.68 -16.01 40.48
N GLU A 130 19.36 -16.14 40.28
CA GLU A 130 18.81 -17.13 39.35
C GLU A 130 18.73 -16.57 37.92
N ILE A 131 19.09 -17.40 36.94
CA ILE A 131 18.96 -17.02 35.52
C ILE A 131 17.60 -17.46 34.97
N VAL A 132 16.87 -16.50 34.42
CA VAL A 132 15.48 -16.70 34.01
C VAL A 132 15.29 -16.42 32.50
N PRO A 133 14.68 -17.37 31.76
CA PRO A 133 14.52 -17.22 30.30
C PRO A 133 13.34 -16.32 29.86
N LEU A 134 13.63 -15.36 29.00
CA LEU A 134 12.60 -14.50 28.41
C LEU A 134 12.64 -14.52 26.88
N LEU A 135 11.52 -14.89 26.27
CA LEU A 135 11.36 -14.84 24.83
C LEU A 135 10.82 -13.47 24.42
N LEU A 136 11.60 -12.77 23.59
CA LEU A 136 11.33 -11.38 23.23
C LEU A 136 10.99 -11.27 21.74
N LEU A 137 9.79 -10.76 21.43
CA LEU A 137 9.23 -10.84 20.07
C LEU A 137 8.95 -9.50 19.41
N HIS A 138 9.56 -9.27 18.25
CA HIS A 138 9.37 -8.04 17.47
C HIS A 138 8.18 -8.12 16.54
N GLY A 139 7.79 -6.99 15.97
CA GLY A 139 6.73 -6.95 14.94
C GLY A 139 7.20 -6.36 13.61
N TRP A 140 6.26 -5.74 12.89
CA TRP A 140 6.47 -5.13 11.58
C TRP A 140 6.25 -3.64 11.66
N PRO A 141 7.11 -2.82 11.03
CA PRO A 141 8.28 -3.16 10.21
C PRO A 141 9.57 -3.10 11.01
N GLY A 142 9.57 -3.69 12.20
CA GLY A 142 10.76 -3.77 13.03
C GLY A 142 11.50 -5.07 12.81
N SER A 143 12.35 -5.41 13.79
CA SER A 143 13.24 -6.57 13.70
C SER A 143 13.92 -6.74 15.06
N VAL A 144 14.87 -7.67 15.16
CA VAL A 144 15.62 -7.84 16.41
C VAL A 144 16.46 -6.61 16.75
N ARG A 145 16.77 -5.79 15.75
CA ARG A 145 17.48 -4.53 15.98
C ARG A 145 16.78 -3.66 17.00
N GLU A 146 15.44 -3.66 16.95
CA GLU A 146 14.60 -2.95 17.93
C GLU A 146 15.13 -3.07 19.36
N PHE A 147 15.63 -4.24 19.72
CA PHE A 147 15.93 -4.56 21.12
C PHE A 147 17.35 -4.27 21.64
N TYR A 148 18.27 -3.87 20.76
CA TYR A 148 19.68 -3.79 21.16
C TYR A 148 19.96 -2.91 22.38
N GLU A 149 19.50 -1.67 22.37
CA GLU A 149 19.77 -0.76 23.48
C GLU A 149 19.04 -1.16 24.78
N ALA A 150 17.97 -1.93 24.67
CA ALA A 150 17.25 -2.40 25.85
C ALA A 150 17.95 -3.55 26.55
N ILE A 151 18.75 -4.31 25.81
CA ILE A 151 19.33 -5.55 26.30
C ILE A 151 20.27 -5.45 27.53
N PRO A 152 21.19 -4.46 27.54
CA PRO A 152 22.03 -4.31 28.74
C PRO A 152 21.21 -4.14 30.02
N HIS A 153 20.08 -3.46 29.93
CA HIS A 153 19.20 -3.24 31.08
C HIS A 153 18.42 -4.47 31.43
N LEU A 154 17.94 -5.18 30.40
CA LEU A 154 17.16 -6.39 30.61
C LEU A 154 17.96 -7.50 31.28
N THR A 155 19.25 -7.58 30.94
CA THR A 155 20.13 -8.66 31.40
C THR A 155 21.02 -8.28 32.60
N ALA A 156 20.89 -7.05 33.09
CA ALA A 156 21.74 -6.58 34.19
C ALA A 156 21.43 -7.28 35.53
N VAL A 157 22.48 -7.44 36.34
CA VAL A 157 22.37 -7.91 37.71
C VAL A 157 22.16 -6.69 38.60
N SER A 158 21.24 -6.78 39.56
CA SER A 158 20.87 -5.60 40.36
C SER A 158 21.19 -5.66 41.86
N LYS A 159 20.78 -6.73 42.53
CA LYS A 159 20.89 -6.83 43.99
C LYS A 159 19.63 -6.37 44.71
N ASP A 160 18.77 -5.64 43.99
CA ASP A 160 17.38 -5.47 44.41
C ASP A 160 16.59 -6.69 43.93
N ARG A 161 17.20 -7.47 43.04
CA ARG A 161 16.52 -8.60 42.41
C ARG A 161 17.17 -9.95 42.68
N ASN A 162 16.30 -10.93 42.88
CA ASN A 162 16.58 -12.36 43.03
C ASN A 162 17.18 -13.03 41.79
N PHE A 163 17.08 -12.36 40.65
CA PHE A 163 17.19 -13.04 39.37
C PHE A 163 17.79 -12.14 38.28
N ALA A 164 18.14 -12.76 37.16
CA ALA A 164 18.63 -12.04 36.00
C ALA A 164 18.08 -12.69 34.73
N LEU A 165 17.90 -11.88 33.70
CA LEU A 165 17.26 -12.37 32.48
C LEU A 165 18.25 -12.89 31.46
N GLU A 166 17.97 -14.09 30.96
CA GLU A 166 18.56 -14.60 29.75
C GLU A 166 17.54 -14.39 28.66
N ILE A 167 17.95 -13.80 27.56
CA ILE A 167 17.08 -13.37 26.47
C ILE A 167 17.24 -14.18 25.22
N ILE A 168 16.12 -14.63 24.67
CA ILE A 168 16.09 -15.22 23.35
C ILE A 168 15.22 -14.32 22.49
N ALA A 169 15.76 -13.89 21.35
CA ALA A 169 15.09 -12.96 20.47
C ALA A 169 15.16 -13.41 19.02
N PRO A 170 14.08 -14.04 18.54
CA PRO A 170 14.06 -14.60 17.20
C PRO A 170 13.53 -13.64 16.15
N SER A 171 14.05 -13.73 14.93
CA SER A 171 13.39 -13.11 13.79
C SER A 171 12.18 -13.95 13.44
N LEU A 172 11.04 -13.27 13.28
CA LEU A 172 9.84 -13.91 12.78
C LEU A 172 10.12 -14.60 11.44
N PRO A 173 9.44 -15.72 11.14
CA PRO A 173 9.60 -16.40 9.86
C PRO A 173 9.29 -15.45 8.70
N GLY A 174 10.19 -15.36 7.73
CA GLY A 174 10.08 -14.39 6.65
C GLY A 174 10.52 -12.97 6.99
N TYR A 175 11.07 -12.80 8.19
CA TYR A 175 11.62 -11.52 8.63
C TYR A 175 13.09 -11.71 8.93
N GLY A 176 13.87 -10.65 8.72
CA GLY A 176 15.28 -10.65 9.10
C GLY A 176 15.97 -11.88 8.54
N PHE A 177 16.55 -12.68 9.44
CA PHE A 177 17.37 -13.80 9.01
C PHE A 177 16.70 -15.17 9.10
N SER A 178 15.38 -15.16 9.26
CA SER A 178 14.61 -16.39 9.29
C SER A 178 14.02 -16.72 7.93
N ASP A 179 13.98 -18.02 7.61
CA ASP A 179 13.37 -18.50 6.38
C ASP A 179 11.87 -18.24 6.33
N ALA A 180 11.38 -18.06 5.10
CA ALA A 180 9.97 -17.86 4.84
C ALA A 180 9.29 -19.16 4.45
N ALA A 181 8.02 -19.26 4.79
CA ALA A 181 7.15 -20.35 4.34
C ALA A 181 7.07 -20.45 2.81
N VAL A 182 6.95 -21.67 2.31
CA VAL A 182 6.96 -21.99 0.89
C VAL A 182 5.54 -22.18 0.34
N ARG A 183 4.57 -22.34 1.24
CA ARG A 183 3.17 -22.58 0.92
C ARG A 183 2.25 -21.71 1.81
N PRO A 184 0.97 -21.50 1.40
CA PRO A 184 0.03 -20.69 2.20
C PRO A 184 -0.32 -21.29 3.55
N GLY A 185 -0.70 -20.44 4.50
CA GLY A 185 -1.18 -20.89 5.79
C GLY A 185 -0.45 -20.41 7.04
N LEU A 186 0.69 -19.74 6.88
CA LEU A 186 1.50 -19.36 8.04
C LEU A 186 1.07 -18.01 8.65
N ALA A 187 0.02 -18.07 9.45
CA ALA A 187 -0.48 -16.91 10.19
C ALA A 187 0.08 -16.88 11.60
N ALA A 188 -0.37 -15.91 12.38
CA ALA A 188 0.16 -15.67 13.73
C ALA A 188 0.12 -16.90 14.61
N ALA A 189 -0.97 -17.68 14.50
CA ALA A 189 -1.17 -18.85 15.35
C ALA A 189 -0.18 -19.97 15.04
N GLU A 190 0.20 -20.08 13.79
CA GLU A 190 1.19 -21.03 13.36
C GLU A 190 2.59 -20.64 13.77
N VAL A 191 2.84 -19.35 13.84
CA VAL A 191 4.12 -18.81 14.33
C VAL A 191 4.27 -19.10 15.83
N ALA A 192 3.17 -18.98 16.57
CA ALA A 192 3.12 -19.38 17.98
C ALA A 192 3.69 -20.79 18.20
N VAL A 193 3.30 -21.71 17.31
CA VAL A 193 3.77 -23.09 17.33
C VAL A 193 5.26 -23.18 17.04
N ILE A 194 5.71 -22.51 15.98
CA ILE A 194 7.13 -22.54 15.61
C ILE A 194 8.01 -22.09 16.80
N PHE A 195 7.58 -21.05 17.50
CA PHE A 195 8.35 -20.52 18.62
C PHE A 195 8.32 -21.41 19.86
N LYS A 196 7.23 -22.13 20.07
CA LYS A 196 7.13 -23.08 21.14
C LYS A 196 8.06 -24.22 20.82
N ASN A 197 8.06 -24.68 19.60
CA ASN A 197 9.02 -25.69 19.16
C ASN A 197 10.48 -25.22 19.29
N LEU A 198 10.72 -23.93 19.11
CA LEU A 198 12.07 -23.37 19.23
C LEU A 198 12.59 -23.42 20.66
N MET A 199 11.75 -23.01 21.60
CA MET A 199 12.12 -23.05 23.01
C MET A 199 12.35 -24.49 23.48
N ALA A 200 11.55 -25.42 22.97
CA ALA A 200 11.74 -26.86 23.18
C ALA A 200 13.07 -27.37 22.61
N ARG A 201 13.38 -26.99 21.37
CA ARG A 201 14.69 -27.27 20.78
C ARG A 201 15.84 -26.82 21.70
N LEU A 202 15.76 -25.59 22.21
CA LEU A 202 16.84 -25.00 23.01
C LEU A 202 16.92 -25.53 24.44
N GLY A 203 15.89 -26.26 24.86
CA GLY A 203 15.90 -27.00 26.12
C GLY A 203 15.04 -26.44 27.23
N TYR A 204 14.20 -25.46 26.89
CA TYR A 204 13.39 -24.78 27.91
C TYR A 204 12.03 -25.41 28.11
N LYS A 205 11.64 -25.57 29.37
CA LYS A 205 10.33 -26.12 29.73
C LYS A 205 9.38 -25.01 30.15
N GLN A 206 9.90 -24.03 30.87
CA GLN A 206 9.11 -22.88 31.32
C GLN A 206 9.84 -21.58 30.99
N TYR A 207 9.09 -20.55 30.63
CA TYR A 207 9.67 -19.24 30.29
C TYR A 207 8.64 -18.13 30.21
N TYR A 208 9.12 -16.90 30.26
CA TYR A 208 8.30 -15.72 30.06
C TYR A 208 8.32 -15.27 28.60
N VAL A 209 7.30 -14.52 28.20
CA VAL A 209 7.20 -14.00 26.84
C VAL A 209 6.85 -12.52 26.93
N GLN A 210 7.49 -11.74 26.06
CA GLN A 210 7.20 -10.32 25.90
C GLN A 210 7.02 -10.03 24.41
N GLY A 211 6.01 -9.25 24.07
CA GLY A 211 5.80 -8.87 22.68
C GLY A 211 5.08 -7.57 22.46
N GLY A 212 5.38 -6.95 21.32
CA GLY A 212 4.65 -5.80 20.80
C GLY A 212 4.31 -6.04 19.34
N ASP A 213 3.37 -5.27 18.80
CA ASP A 213 2.90 -5.44 17.42
C ASP A 213 2.52 -6.92 17.17
N TRP A 214 3.15 -7.58 16.20
CA TRP A 214 2.90 -9.00 15.95
C TRP A 214 3.28 -9.86 17.11
N GLY A 215 4.37 -9.52 17.79
CA GLY A 215 4.87 -10.29 18.92
C GLY A 215 3.88 -10.35 20.06
N ALA A 216 3.07 -9.30 20.20
CA ALA A 216 2.00 -9.29 21.18
C ALA A 216 0.92 -10.30 20.79
N LEU A 217 0.58 -10.32 19.50
CA LEU A 217 -0.38 -11.28 18.98
C LEU A 217 0.09 -12.73 19.09
N ILE A 218 1.31 -13.00 18.62
CA ILE A 218 1.92 -14.33 18.66
C ILE A 218 2.16 -14.80 20.09
N GLY A 219 2.64 -13.89 20.94
CA GLY A 219 2.86 -14.21 22.35
C GLY A 219 1.56 -14.56 23.05
N SER A 220 0.50 -13.83 22.70
CA SER A 220 -0.83 -14.05 23.27
C SER A 220 -1.36 -15.43 22.90
N ALA A 221 -1.09 -15.85 21.67
CA ALA A 221 -1.47 -17.16 21.18
C ALA A 221 -0.68 -18.28 21.87
N MET A 222 0.60 -18.06 22.11
CA MET A 222 1.43 -19.03 22.86
C MET A 222 0.88 -19.25 24.26
N ALA A 223 0.52 -18.16 24.93
CA ALA A 223 -0.08 -18.21 26.27
C ALA A 223 -1.43 -18.92 26.23
N THR A 224 -2.19 -18.70 25.16
CA THR A 224 -3.46 -19.37 24.94
C THR A 224 -3.25 -20.88 24.77
N PHE A 225 -2.36 -21.27 23.86
CA PHE A 225 -2.14 -22.69 23.54
C PHE A 225 -1.37 -23.47 24.60
N PHE A 226 -0.37 -22.85 25.22
CA PHE A 226 0.56 -23.60 26.06
C PHE A 226 0.70 -23.00 27.47
N PRO A 227 -0.38 -23.04 28.27
CA PRO A 227 -0.31 -22.43 29.61
C PRO A 227 0.71 -23.09 30.53
N LYS A 228 1.01 -24.38 30.30
CA LYS A 228 2.00 -25.11 31.09
C LYS A 228 3.41 -24.57 30.90
N GLU A 229 3.71 -24.05 29.71
CA GLU A 229 5.06 -23.58 29.38
C GLU A 229 5.27 -22.10 29.68
N ILE A 230 4.29 -21.27 29.30
CA ILE A 230 4.40 -19.83 29.49
C ILE A 230 4.03 -19.49 30.94
N ILE A 231 5.01 -19.01 31.70
CA ILE A 231 4.77 -18.69 33.11
C ILE A 231 4.43 -17.22 33.35
N GLY A 232 4.49 -16.42 32.29
CA GLY A 232 4.08 -15.02 32.38
C GLY A 232 4.17 -14.34 31.03
N PHE A 233 3.19 -13.47 30.76
CA PHE A 233 3.13 -12.76 29.49
C PHE A 233 3.06 -11.26 29.73
N HIS A 234 4.01 -10.54 29.13
CA HIS A 234 4.08 -9.09 29.17
C HIS A 234 3.81 -8.56 27.80
N SER A 235 2.94 -7.56 27.70
CA SER A 235 2.55 -7.02 26.41
C SER A 235 2.55 -5.50 26.40
N ASN A 236 3.08 -4.93 25.33
CA ASN A 236 3.00 -3.48 25.13
C ASN A 236 2.07 -3.08 23.98
N MET A 237 1.22 -4.01 23.56
CA MET A 237 0.26 -3.81 22.47
C MET A 237 -1.02 -4.60 22.78
N ALA A 238 -1.58 -4.36 23.97
CA ALA A 238 -2.74 -5.09 24.45
C ALA A 238 -4.03 -4.62 23.80
N LEU A 239 -4.68 -5.52 23.06
CA LEU A 239 -5.85 -5.18 22.24
C LEU A 239 -6.75 -6.39 21.95
N THR A 240 -8.06 -6.21 22.11
CA THR A 240 -9.06 -7.20 21.76
C THR A 240 -10.06 -6.60 20.76
N LEU A 241 -10.14 -7.20 19.57
CA LEU A 241 -11.10 -6.77 18.56
C LEU A 241 -12.24 -7.78 18.39
N SER A 242 -12.81 -8.19 19.52
CA SER A 242 -13.95 -9.09 19.54
C SER A 242 -15.26 -8.30 19.63
N PRO A 243 -16.38 -8.92 19.16
CA PRO A 243 -17.72 -8.36 19.32
C PRO A 243 -18.03 -7.86 20.74
N ALA A 244 -17.67 -8.64 21.76
CA ALA A 244 -17.91 -8.26 23.15
C ALA A 244 -17.07 -7.04 23.59
N ALA A 245 -15.84 -6.97 23.09
CA ALA A 245 -14.92 -5.87 23.40
C ALA A 245 -15.37 -4.57 22.73
N THR A 246 -15.76 -4.66 21.46
CA THR A 246 -16.22 -3.51 20.69
C THR A 246 -17.56 -2.99 21.21
N PHE A 247 -18.47 -3.90 21.54
CA PHE A 247 -19.76 -3.54 22.13
C PHE A 247 -19.56 -2.81 23.46
N LEU A 248 -18.63 -3.31 24.27
CA LEU A 248 -18.27 -2.68 25.54
C LEU A 248 -17.61 -1.33 25.31
N GLU A 249 -16.85 -1.21 24.22
CA GLU A 249 -16.25 0.03 23.80
C GLU A 249 -17.32 1.09 23.52
N PHE A 250 -18.43 0.65 22.90
CA PHE A 250 -19.53 1.55 22.57
C PHE A 250 -20.45 1.87 23.75
N VAL A 251 -20.60 0.91 24.67
CA VAL A 251 -21.34 1.13 25.92
C VAL A 251 -20.71 2.28 26.71
N GLY A 252 -19.38 2.30 26.75
CA GLY A 252 -18.64 3.34 27.45
C GLY A 252 -18.70 4.71 26.80
N ALA A 253 -19.20 4.76 25.55
CA ALA A 253 -19.44 6.05 24.90
C ALA A 253 -20.64 6.75 25.53
N LEU A 254 -21.64 5.96 25.93
CA LEU A 254 -22.85 6.47 26.58
C LEU A 254 -22.52 7.13 27.92
N PHE A 255 -21.91 6.37 28.82
CA PHE A 255 -21.37 6.92 30.07
C PHE A 255 -19.99 6.35 30.37
N PRO A 256 -18.94 7.17 30.16
CA PRO A 256 -17.54 6.74 30.16
C PRO A 256 -17.04 6.23 31.51
N SER A 257 -17.48 6.85 32.59
CA SER A 257 -17.01 6.52 33.95
C SER A 257 -17.37 5.09 34.39
N LEU A 258 -18.00 4.34 33.50
CA LEU A 258 -18.38 2.96 33.74
C LEU A 258 -17.24 1.98 33.45
N ILE A 259 -16.45 2.27 32.42
CA ILE A 259 -15.37 1.36 31.99
C ILE A 259 -13.95 1.92 32.05
N VAL A 260 -13.83 3.25 32.03
CA VAL A 260 -12.53 3.92 31.99
C VAL A 260 -12.45 5.08 32.97
N GLU A 261 -11.26 5.34 33.51
CA GLU A 261 -11.00 6.53 34.31
C GLU A 261 -10.99 7.78 33.43
N PRO A 262 -11.51 8.92 33.96
CA PRO A 262 -11.61 10.17 33.19
C PRO A 262 -10.24 10.72 32.77
N GLU A 263 -9.23 10.47 33.61
CA GLU A 263 -7.86 10.90 33.34
C GLU A 263 -7.26 10.12 32.16
N LEU A 264 -7.81 8.93 31.92
CA LEU A 264 -7.42 8.06 30.81
C LEU A 264 -8.44 8.07 29.66
N ALA A 265 -9.56 8.77 29.85
CA ALA A 265 -10.69 8.74 28.90
C ALA A 265 -10.33 9.27 27.51
N ASN A 266 -9.44 10.25 27.46
CA ASN A 266 -9.03 10.87 26.21
C ASN A 266 -8.13 9.99 25.33
N ARG A 267 -7.68 8.86 25.87
CA ARG A 267 -6.95 7.87 25.08
C ARG A 267 -7.91 7.06 24.21
N LEU A 268 -9.17 7.02 24.64
CA LEU A 268 -10.19 6.24 23.95
C LEU A 268 -11.30 7.10 23.33
N TYR A 269 -11.67 8.18 24.01
CA TYR A 269 -12.80 9.00 23.59
C TYR A 269 -12.39 10.40 23.12
N PRO A 270 -13.15 10.97 22.16
CA PRO A 270 -14.32 10.37 21.51
C PRO A 270 -13.96 9.29 20.48
N LEU A 271 -14.86 8.34 20.29
CA LEU A 271 -14.64 7.21 19.39
C LEU A 271 -14.50 7.63 17.93
N SER A 272 -15.14 8.74 17.58
CA SER A 272 -15.07 9.28 16.22
C SER A 272 -13.66 9.70 15.84
N GLU A 273 -12.88 10.12 16.85
CA GLU A 273 -11.46 10.44 16.65
C GLU A 273 -10.63 9.18 16.43
N LYS A 274 -10.86 8.18 17.28
CA LYS A 274 -10.15 6.90 17.19
C LYS A 274 -10.27 6.27 15.81
N TYR A 275 -11.49 6.19 15.29
CA TYR A 275 -11.76 5.52 14.03
C TYR A 275 -11.41 6.34 12.78
N SER A 276 -11.42 7.66 12.92
CA SER A 276 -11.06 8.55 11.82
C SER A 276 -9.56 8.52 11.57
N THR A 277 -8.79 8.43 12.66
CA THR A 277 -7.35 8.32 12.58
C THR A 277 -6.99 6.89 12.14
N LEU A 278 -7.82 5.93 12.55
CA LEU A 278 -7.65 4.54 12.16
C LEU A 278 -7.86 4.34 10.66
N LEU A 279 -8.92 4.96 10.12
CA LEU A 279 -9.15 4.99 8.67
C LEU A 279 -7.97 5.60 7.92
N GLU A 280 -7.40 6.65 8.48
CA GLU A 280 -6.31 7.36 7.83
C GLU A 280 -4.99 6.57 7.83
N GLU A 281 -4.84 5.64 8.78
CA GLU A 281 -3.54 5.01 9.03
C GLU A 281 -3.43 3.54 8.65
N LEU A 282 -4.57 2.90 8.34
CA LEU A 282 -4.58 1.45 8.09
C LEU A 282 -4.43 1.05 6.62
N GLY A 283 -4.02 2.00 5.79
CA GLY A 283 -3.83 1.76 4.35
C GLY A 283 -2.85 0.64 4.10
N TYR A 284 -1.66 0.77 4.69
CA TYR A 284 -0.59 -0.23 4.59
C TYR A 284 -1.12 -1.63 4.93
N MET A 285 -1.90 -1.71 6.02
CA MET A 285 -2.44 -2.97 6.53
C MET A 285 -3.46 -3.58 5.57
N HIS A 286 -4.33 -2.75 5.03
CA HIS A 286 -5.31 -3.15 4.04
C HIS A 286 -4.62 -3.76 2.82
N ILE A 287 -3.61 -3.08 2.26
CA ILE A 287 -2.95 -3.61 1.07
C ILE A 287 -2.07 -4.85 1.35
N GLN A 288 -1.40 -4.87 2.51
CA GLN A 288 -0.57 -5.99 2.90
C GLN A 288 -1.37 -7.26 3.17
N ALA A 289 -2.58 -7.09 3.67
CA ALA A 289 -3.47 -8.21 3.99
C ALA A 289 -4.12 -8.81 2.73
N THR A 290 -4.10 -8.08 1.62
CA THR A 290 -4.75 -8.55 0.40
C THR A 290 -3.77 -8.78 -0.73
N LYS A 291 -2.89 -7.82 -1.01
CA LYS A 291 -1.96 -7.94 -2.13
C LYS A 291 -0.47 -7.73 -1.75
N PRO A 292 0.05 -8.53 -0.78
CA PRO A 292 1.42 -8.29 -0.31
C PRO A 292 2.50 -8.47 -1.40
N ASP A 293 2.28 -9.39 -2.33
CA ASP A 293 3.26 -9.65 -3.40
C ASP A 293 3.33 -8.51 -4.41
N THR A 294 2.24 -7.76 -4.56
CA THR A 294 2.20 -6.63 -5.47
C THR A 294 2.98 -5.45 -4.89
N VAL A 295 2.53 -4.96 -3.73
CA VAL A 295 3.12 -3.78 -3.13
C VAL A 295 4.59 -4.01 -2.75
N GLY A 296 4.95 -5.27 -2.49
CA GLY A 296 6.31 -5.59 -2.05
C GLY A 296 7.38 -5.60 -3.13
N ILE A 297 6.98 -5.65 -4.40
CA ILE A 297 7.93 -5.79 -5.51
C ILE A 297 8.80 -4.55 -5.73
N GLY A 298 8.18 -3.37 -5.72
CA GLY A 298 8.91 -2.11 -5.80
C GLY A 298 9.81 -1.87 -4.61
N LEU A 299 9.35 -2.28 -3.42
CA LEU A 299 10.12 -2.14 -2.17
C LEU A 299 11.32 -3.08 -2.12
N THR A 300 11.24 -4.21 -2.83
CA THR A 300 12.35 -5.15 -2.97
C THR A 300 13.47 -4.54 -3.84
N ASP A 301 13.07 -3.80 -4.87
CA ASP A 301 13.99 -3.34 -5.91
C ASP A 301 14.57 -1.93 -5.65
N SER A 302 13.84 -1.11 -4.90
CA SER A 302 14.22 0.30 -4.71
C SER A 302 14.54 0.67 -3.25
N PRO A 303 15.80 1.10 -3.01
CA PRO A 303 16.20 1.57 -1.67
C PRO A 303 15.39 2.78 -1.22
N ALA A 304 15.07 3.66 -2.17
CA ALA A 304 14.23 4.83 -1.91
C ALA A 304 12.81 4.42 -1.51
N GLY A 305 12.27 3.41 -2.19
CA GLY A 305 10.94 2.89 -1.89
C GLY A 305 10.86 2.26 -0.51
N LEU A 306 11.76 1.32 -0.25
CA LEU A 306 11.83 0.64 1.05
C LEU A 306 11.93 1.67 2.18
N LEU A 307 12.90 2.57 2.06
CA LEU A 307 13.16 3.61 3.05
C LEU A 307 11.92 4.46 3.33
N ALA A 308 11.26 4.95 2.27
CA ALA A 308 10.06 5.78 2.44
C ALA A 308 8.93 5.03 3.16
N TYR A 309 8.71 3.79 2.75
CA TYR A 309 7.61 2.98 3.22
C TYR A 309 7.76 2.62 4.69
N ILE A 310 8.98 2.21 5.08
CA ILE A 310 9.24 1.82 6.45
C ILE A 310 9.38 3.02 7.39
N LEU A 311 10.17 4.02 6.97
CA LEU A 311 10.41 5.21 7.82
C LEU A 311 9.17 6.04 8.16
N GLU A 312 8.18 6.06 7.27
CA GLU A 312 6.90 6.75 7.52
C GLU A 312 6.23 6.24 8.80
N LYS A 313 6.42 4.97 9.09
CA LYS A 313 5.85 4.34 10.28
C LYS A 313 6.57 4.79 11.54
N PHE A 314 7.89 4.89 11.45
CA PHE A 314 8.72 5.33 12.58
C PHE A 314 8.47 6.79 12.90
N SER A 315 7.81 7.47 11.96
CA SER A 315 7.34 8.83 12.12
C SER A 315 6.02 8.85 12.91
N THR A 316 4.95 8.36 12.27
CA THR A 316 3.58 8.42 12.80
C THR A 316 3.32 7.62 14.07
N TRP A 317 3.84 6.40 14.12
CA TRP A 317 3.57 5.49 15.24
C TRP A 317 4.29 5.86 16.52
N THR A 318 5.23 6.81 16.40
CA THR A 318 5.96 7.33 17.56
C THR A 318 5.16 8.47 18.19
N ASN A 319 4.75 9.42 17.34
CA ASN A 319 3.89 10.53 17.74
C ASN A 319 3.13 11.06 16.54
N PRO A 320 1.78 10.98 16.57
CA PRO A 320 0.96 11.35 15.40
C PRO A 320 1.19 12.78 14.95
N ASP A 321 1.47 13.66 15.90
CA ASP A 321 1.72 15.09 15.62
C ASP A 321 2.94 15.34 14.73
N LEU A 322 3.80 14.33 14.59
CA LEU A 322 4.97 14.43 13.71
C LEU A 322 4.63 14.43 12.20
N ARG A 323 3.39 14.06 11.88
CA ARG A 323 2.88 14.08 10.50
C ARG A 323 2.86 15.49 9.92
N SER A 324 2.81 16.49 10.80
CA SER A 324 2.77 17.90 10.43
C SER A 324 4.10 18.44 9.94
N LYS A 325 5.20 17.87 10.44
CA LYS A 325 6.55 18.40 10.18
C LYS A 325 7.07 17.99 8.81
N GLU A 326 7.86 18.87 8.19
CA GLU A 326 8.41 18.63 6.86
C GLU A 326 9.36 17.44 6.80
N ASP A 327 10.06 17.17 7.91
CA ASP A 327 11.12 16.17 7.93
C ASP A 327 10.75 14.82 8.56
N GLY A 328 9.61 14.73 9.24
CA GLY A 328 9.28 13.48 9.90
C GLY A 328 8.49 13.54 11.20
N GLY A 329 9.03 14.13 12.26
CA GLY A 329 10.43 14.42 12.40
C GLY A 329 11.10 13.11 12.74
N LEU A 330 11.93 12.64 11.82
CA LEU A 330 12.60 11.36 11.95
C LEU A 330 13.86 11.46 12.82
N SER A 331 14.18 12.68 13.25
CA SER A 331 15.25 12.93 14.23
C SER A 331 14.73 13.06 15.67
N TYR A 332 13.42 12.98 15.85
CA TYR A 332 12.81 13.13 17.17
C TYR A 332 13.43 12.22 18.24
N ARG A 333 13.71 10.97 17.87
CA ARG A 333 14.22 9.95 18.81
C ARG A 333 15.50 9.24 18.39
N TRP A 334 15.65 8.96 17.10
CA TRP A 334 16.72 8.08 16.63
C TRP A 334 17.71 8.77 15.74
N THR A 335 18.93 8.25 15.75
CA THR A 335 19.95 8.65 14.82
C THR A 335 19.67 7.98 13.47
N LYS A 336 20.29 8.51 12.43
CA LYS A 336 20.19 7.93 11.10
C LYS A 336 20.66 6.46 11.08
N ASP A 337 21.80 6.19 11.74
CA ASP A 337 22.37 4.83 11.80
C ASP A 337 21.43 3.82 12.45
N GLN A 338 20.78 4.20 13.55
CA GLN A 338 19.86 3.31 14.24
C GLN A 338 18.73 2.90 13.29
N LEU A 339 18.20 3.89 12.58
CA LEU A 339 17.09 3.66 11.66
C LEU A 339 17.51 2.87 10.42
N ILE A 340 18.70 3.15 9.89
CA ILE A 340 19.22 2.42 8.74
C ILE A 340 19.63 0.98 9.12
N ASP A 341 20.09 0.79 10.35
CA ASP A 341 20.32 -0.58 10.88
C ASP A 341 19.11 -1.48 10.60
N ASN A 342 17.93 -1.02 11.00
CA ASN A 342 16.69 -1.78 10.83
C ASN A 342 16.36 -1.97 9.34
N LEU A 343 16.50 -0.91 8.57
CA LEU A 343 16.29 -1.00 7.12
C LEU A 343 17.21 -2.03 6.46
N MET A 344 18.45 -2.09 6.94
CA MET A 344 19.44 -3.04 6.46
C MET A 344 19.04 -4.50 6.66
N LEU A 345 18.31 -4.78 7.74
CA LEU A 345 17.78 -6.12 7.98
C LEU A 345 16.63 -6.51 7.03
N TYR A 346 16.04 -5.52 6.37
CA TYR A 346 15.08 -5.79 5.30
C TYR A 346 15.80 -5.85 3.94
N TRP A 347 16.66 -4.88 3.67
CA TRP A 347 17.33 -4.80 2.37
C TRP A 347 18.24 -5.98 2.10
N SER A 348 19.19 -6.23 3.00
CA SER A 348 20.21 -7.28 2.76
C SER A 348 19.67 -8.72 2.74
N THR A 349 18.49 -8.92 3.31
CA THR A 349 17.87 -10.26 3.34
C THR A 349 16.73 -10.42 2.33
N LYS A 350 16.37 -9.34 1.64
CA LYS A 350 15.27 -9.35 0.64
C LYS A 350 13.94 -9.86 1.21
N SER A 351 13.61 -9.47 2.44
CA SER A 351 12.48 -10.07 3.14
C SER A 351 11.21 -9.23 3.20
N ILE A 352 11.19 -8.07 2.53
CA ILE A 352 10.00 -7.20 2.61
C ILE A 352 8.69 -7.90 2.20
N VAL A 353 8.70 -8.59 1.07
CA VAL A 353 7.50 -9.33 0.62
C VAL A 353 7.10 -10.43 1.62
N THR A 354 8.06 -11.27 1.99
CA THR A 354 7.78 -12.38 2.91
C THR A 354 7.30 -11.87 4.28
N SER A 355 7.78 -10.70 4.68
CA SER A 355 7.38 -10.09 5.95
C SER A 355 5.94 -9.59 5.91
N MET A 356 5.52 -9.11 4.73
CA MET A 356 4.17 -8.61 4.50
C MET A 356 3.11 -9.72 4.44
N ARG A 357 3.52 -10.90 4.00
CA ARG A 357 2.62 -12.06 3.87
C ARG A 357 1.94 -12.46 5.19
N LEU A 358 2.54 -12.12 6.32
CA LEU A 358 1.98 -12.46 7.62
C LEU A 358 0.62 -11.78 7.80
N TYR A 359 0.51 -10.56 7.29
CA TYR A 359 -0.75 -9.84 7.19
C TYR A 359 -1.77 -10.64 6.39
N ALA A 360 -1.42 -11.01 5.16
CA ALA A 360 -2.35 -11.77 4.30
C ALA A 360 -2.82 -13.06 4.97
N GLU A 361 -1.88 -13.80 5.56
CA GLU A 361 -2.19 -15.06 6.23
C GLU A 361 -3.09 -14.87 7.45
N SER A 362 -2.82 -13.81 8.23
CA SER A 362 -3.53 -13.60 9.48
C SER A 362 -4.95 -13.08 9.28
N PHE A 363 -5.19 -12.43 8.15
CA PHE A 363 -6.53 -11.94 7.82
C PHE A 363 -7.39 -12.95 7.08
N SER A 364 -6.86 -14.15 6.86
CA SER A 364 -7.60 -15.26 6.28
C SER A 364 -8.89 -15.58 7.04
N SER A 365 -9.84 -16.17 6.32
CA SER A 365 -11.08 -16.64 6.92
C SER A 365 -10.77 -17.75 7.92
N ARG A 366 -9.88 -18.66 7.52
CA ARG A 366 -9.41 -19.77 8.35
C ARG A 366 -8.89 -19.30 9.71
N HIS A 367 -7.97 -18.34 9.70
CA HIS A 367 -7.34 -17.82 10.92
C HIS A 367 -8.31 -17.09 11.81
N PHE A 368 -9.23 -16.33 11.21
CA PHE A 368 -10.26 -15.63 11.97
C PHE A 368 -11.28 -16.58 12.61
N ASP A 369 -11.50 -17.73 11.97
CA ASP A 369 -12.39 -18.77 12.49
C ASP A 369 -11.83 -19.48 13.71
N LEU A 370 -10.54 -19.23 14.00
CA LEU A 370 -9.90 -19.77 15.20
C LEU A 370 -10.40 -19.06 16.46
N LYS A 371 -11.00 -17.89 16.28
CA LYS A 371 -11.62 -17.10 17.37
C LYS A 371 -10.68 -16.91 18.56
N LEU A 372 -9.45 -16.47 18.28
CA LEU A 372 -8.43 -16.19 19.28
C LEU A 372 -8.86 -15.12 20.29
N ASP A 373 -9.70 -14.19 19.84
CA ASP A 373 -10.15 -13.07 20.66
C ASP A 373 -11.27 -13.43 21.63
N GLU A 374 -11.64 -14.71 21.67
CA GLU A 374 -12.73 -15.18 22.53
C GLU A 374 -12.31 -16.33 23.44
N ILE A 375 -11.11 -16.87 23.21
CA ILE A 375 -10.51 -17.82 24.14
C ILE A 375 -9.63 -17.04 25.12
N GLN A 376 -9.86 -17.29 26.41
CA GLN A 376 -9.20 -16.55 27.47
C GLN A 376 -7.78 -17.04 27.71
N VAL A 377 -6.89 -16.11 28.07
CA VAL A 377 -5.52 -16.43 28.47
C VAL A 377 -5.47 -16.62 29.99
N GLN A 378 -5.18 -17.85 30.41
CA GLN A 378 -5.20 -18.21 31.82
C GLN A 378 -3.81 -18.14 32.46
N VAL A 379 -2.91 -17.42 31.80
CA VAL A 379 -1.55 -17.19 32.27
C VAL A 379 -1.50 -15.79 32.89
N PRO A 380 -0.75 -15.61 34.00
CA PRO A 380 -0.56 -14.26 34.57
C PRO A 380 -0.04 -13.26 33.52
N THR A 381 -0.71 -12.11 33.42
CA THR A 381 -0.44 -11.17 32.35
C THR A 381 -0.18 -9.75 32.86
N TRP A 382 0.73 -9.05 32.19
CA TRP A 382 1.07 -7.68 32.49
C TRP A 382 1.04 -6.90 31.21
N VAL A 383 0.54 -5.66 31.28
CA VAL A 383 0.35 -4.83 30.09
C VAL A 383 1.00 -3.46 30.24
N LEU A 384 1.73 -3.04 29.20
CA LEU A 384 2.34 -1.72 29.17
C LEU A 384 1.64 -0.86 28.13
N GLN A 385 1.21 0.34 28.53
CA GLN A 385 0.39 1.18 27.67
C GLN A 385 0.99 2.56 27.53
N ALA A 386 1.77 2.74 26.47
CA ALA A 386 2.43 4.00 26.19
C ALA A 386 1.41 5.04 25.72
N LYS A 387 1.74 6.31 25.91
CA LYS A 387 0.89 7.43 25.51
C LYS A 387 0.42 7.33 24.06
N HIS A 388 1.37 7.20 23.13
CA HIS A 388 1.07 7.30 21.70
C HIS A 388 1.04 5.97 20.98
N GLU A 389 0.53 4.94 21.64
CA GLU A 389 0.24 3.69 20.95
C GLU A 389 -0.98 3.93 20.06
N LEU A 390 -1.07 3.16 18.98
CA LEU A 390 -2.07 3.37 17.94
C LEU A 390 -3.50 3.10 18.43
N ALA A 391 -3.63 2.35 19.51
CA ALA A 391 -4.92 2.08 20.15
C ALA A 391 -4.74 1.80 21.64
N TYR A 392 -5.84 1.89 22.39
CA TYR A 392 -5.82 1.71 23.84
C TYR A 392 -7.12 1.06 24.36
N GLN A 393 -6.98 0.17 25.33
CA GLN A 393 -8.14 -0.41 26.01
C GLN A 393 -7.99 -0.41 27.53
N PRO A 394 -9.05 -0.03 28.25
CA PRO A 394 -9.00 0.00 29.71
C PRO A 394 -8.96 -1.41 30.31
N PRO A 395 -8.51 -1.53 31.57
CA PRO A 395 -8.37 -2.87 32.18
C PRO A 395 -9.68 -3.68 32.19
N CYS A 396 -10.82 -3.01 32.27
CA CYS A 396 -12.12 -3.70 32.30
C CYS A 396 -12.41 -4.54 31.06
N ILE A 397 -12.13 -4.02 29.87
CA ILE A 397 -12.31 -4.80 28.67
C ILE A 397 -11.18 -5.81 28.48
N LEU A 398 -9.99 -5.43 28.88
CA LEU A 398 -8.81 -6.30 28.78
C LEU A 398 -8.95 -7.58 29.59
N LYS A 399 -9.60 -7.47 30.76
CA LYS A 399 -9.81 -8.61 31.65
C LYS A 399 -10.65 -9.73 31.03
N MET A 400 -11.34 -9.42 29.92
CA MET A 400 -12.09 -10.42 29.16
C MET A 400 -11.18 -11.41 28.43
N LYS A 401 -10.10 -10.91 27.84
CA LYS A 401 -9.13 -11.77 27.14
C LYS A 401 -8.05 -12.27 28.10
N TYR A 402 -7.81 -11.51 29.17
CA TYR A 402 -6.76 -11.82 30.15
C TYR A 402 -7.31 -11.80 31.57
N PRO A 403 -8.07 -12.83 31.97
CA PRO A 403 -8.66 -12.88 33.31
C PRO A 403 -7.62 -12.81 34.43
N LYS A 404 -6.38 -13.16 34.13
CA LYS A 404 -5.32 -13.17 35.14
C LYS A 404 -4.36 -11.97 35.03
N LEU A 405 -4.92 -10.84 34.59
CA LEU A 405 -4.18 -9.60 34.47
C LEU A 405 -3.72 -9.08 35.84
N VAL A 406 -2.40 -8.99 36.00
CA VAL A 406 -1.80 -8.58 37.27
C VAL A 406 -1.79 -7.05 37.42
N ASN A 407 -1.53 -6.36 36.31
CA ASN A 407 -1.46 -4.89 36.29
C ASN A 407 -1.43 -4.32 34.88
N ALA A 408 -1.90 -3.08 34.75
CA ALA A 408 -1.73 -2.31 33.53
C ALA A 408 -0.89 -1.06 33.85
N SER A 409 0.37 -1.08 33.42
CA SER A 409 1.27 0.06 33.64
C SER A 409 1.07 1.11 32.55
N VAL A 410 0.72 2.31 32.98
CA VAL A 410 0.45 3.41 32.06
C VAL A 410 1.62 4.37 32.05
N ILE A 411 2.19 4.61 30.87
CA ILE A 411 3.23 5.64 30.70
C ILE A 411 2.60 6.86 30.07
N GLU A 412 3.13 8.02 30.43
CA GLU A 412 2.70 9.29 29.86
C GLU A 412 3.57 9.71 28.67
N ASP A 413 4.44 8.82 28.24
CA ASP A 413 5.32 9.08 27.10
C ASP A 413 5.49 7.85 26.21
N GLY A 414 6.06 8.07 25.03
CA GLY A 414 6.41 6.98 24.13
C GLY A 414 5.30 6.59 23.18
N GLY A 415 5.66 5.83 22.15
CA GLY A 415 4.71 5.38 21.16
C GLY A 415 4.77 3.88 20.96
N HIS A 416 4.68 3.47 19.71
CA HIS A 416 4.54 2.08 19.32
C HIS A 416 5.79 1.23 19.48
N PHE A 417 6.95 1.79 19.11
CA PHE A 417 8.23 1.08 19.16
C PHE A 417 8.92 1.24 20.53
N LEU A 418 8.20 0.83 21.58
CA LEU A 418 8.57 1.15 22.94
C LEU A 418 9.98 0.76 23.35
N ALA A 419 10.37 -0.49 23.14
CA ALA A 419 11.69 -0.96 23.53
C ALA A 419 12.79 -0.24 22.76
N PHE A 420 12.51 0.15 21.52
CA PHE A 420 13.46 0.86 20.66
C PHE A 420 13.53 2.34 21.01
N GLU A 421 12.42 2.89 21.52
CA GLU A 421 12.30 4.33 21.78
C GLU A 421 12.71 4.71 23.20
N LEU A 422 12.21 3.95 24.18
CA LEU A 422 12.51 4.20 25.59
C LEU A 422 13.05 2.93 26.25
N PRO A 423 14.28 2.54 25.86
CA PRO A 423 14.87 1.26 26.29
C PRO A 423 14.95 1.09 27.82
N GLU A 424 15.27 2.16 28.54
CA GLU A 424 15.38 2.10 29.99
C GLU A 424 14.03 1.85 30.64
N ILE A 425 13.07 2.68 30.28
CA ILE A 425 11.70 2.61 30.78
C ILE A 425 11.06 1.26 30.44
N PHE A 426 11.30 0.79 29.22
CA PHE A 426 10.83 -0.53 28.78
C PHE A 426 11.35 -1.64 29.68
N ALA A 427 12.67 -1.69 29.83
CA ALA A 427 13.34 -2.77 30.56
C ALA A 427 12.98 -2.76 32.04
N LYS A 428 12.96 -1.58 32.64
CA LYS A 428 12.49 -1.38 34.01
C LYS A 428 11.13 -2.03 34.24
N ASP A 429 10.18 -1.79 33.34
CA ASP A 429 8.81 -2.28 33.48
C ASP A 429 8.68 -3.78 33.28
N VAL A 430 9.47 -4.33 32.36
CA VAL A 430 9.50 -5.77 32.12
C VAL A 430 10.04 -6.53 33.35
N LEU A 431 11.10 -6.00 33.95
CA LEU A 431 11.70 -6.58 35.14
C LEU A 431 10.76 -6.50 36.35
N LYS A 432 10.07 -5.37 36.47
CA LYS A 432 9.05 -5.14 37.50
C LYS A 432 7.93 -6.18 37.38
N ALA A 433 7.49 -6.44 36.15
CA ALA A 433 6.47 -7.46 35.86
C ALA A 433 6.91 -8.84 36.30
N ILE A 434 8.13 -9.23 35.90
CA ILE A 434 8.64 -10.55 36.24
C ILE A 434 8.85 -10.69 37.76
N GLY A 435 9.24 -9.59 38.41
CA GLY A 435 9.32 -9.55 39.85
C GLY A 435 7.97 -9.92 40.45
N GLU A 436 6.92 -9.24 39.98
CA GLU A 436 5.56 -9.49 40.47
C GLU A 436 5.04 -10.86 40.13
N PHE A 437 5.48 -11.42 39.00
CA PHE A 437 5.11 -12.79 38.61
C PHE A 437 5.69 -13.82 39.56
N ARG A 438 6.97 -13.64 39.91
CA ARG A 438 7.65 -14.57 40.81
C ARG A 438 7.09 -14.49 42.22
N LYS A 439 6.72 -13.27 42.60
CA LYS A 439 6.15 -12.96 43.91
C LYS A 439 4.81 -13.65 44.14
N LEU A 440 3.97 -13.70 43.11
CA LEU A 440 2.64 -14.27 43.22
C LEU A 440 2.64 -15.79 43.20
N LYS A 441 3.62 -16.36 42.52
CA LYS A 441 3.78 -17.82 42.42
C LYS A 441 3.96 -18.47 43.80
N ASN A 442 4.33 -17.66 44.80
CA ASN A 442 4.39 -18.08 46.19
C ASN A 442 3.06 -17.88 46.89
N LEU B 19 -18.55 26.88 -6.45
CA LEU B 19 -18.36 26.46 -7.88
C LEU B 19 -17.48 27.45 -8.64
N ASP B 20 -16.24 27.60 -8.18
CA ASP B 20 -15.31 28.58 -8.72
C ASP B 20 -14.79 28.20 -10.11
N LEU B 21 -15.15 29.01 -11.10
CA LEU B 21 -14.78 28.74 -12.49
C LEU B 21 -13.38 29.24 -12.85
N GLU B 22 -12.82 30.10 -12.01
CA GLU B 22 -11.50 30.67 -12.24
C GLU B 22 -10.37 30.10 -11.37
N GLU B 23 -10.74 29.28 -10.37
CA GLU B 23 -9.78 28.67 -9.44
C GLU B 23 -8.47 28.26 -10.11
N TRP B 24 -7.36 28.69 -9.52
CA TRP B 24 -6.03 28.50 -10.10
C TRP B 24 -5.35 27.33 -9.45
N TRP B 25 -4.72 26.49 -10.28
CA TRP B 25 -4.15 25.23 -9.83
C TRP B 25 -2.67 25.09 -10.07
N GLY B 26 -2.12 25.87 -10.99
CA GLY B 26 -0.68 25.85 -11.26
C GLY B 26 0.07 26.89 -10.44
N PRO B 27 1.34 27.17 -10.80
CA PRO B 27 2.13 28.21 -10.12
C PRO B 27 1.50 29.60 -10.34
N PRO B 28 1.15 30.30 -9.25
CA PRO B 28 0.37 31.56 -9.33
C PRO B 28 0.97 32.69 -10.18
N GLU B 29 2.29 32.68 -10.41
CA GLU B 29 2.94 33.74 -11.21
C GLU B 29 2.49 33.77 -12.68
N LEU B 30 1.91 32.66 -13.14
CA LEU B 30 1.43 32.53 -14.51
C LEU B 30 0.08 33.19 -14.73
N LYS B 31 -0.60 33.57 -13.64
CA LYS B 31 -1.96 34.11 -13.70
C LYS B 31 -2.06 35.40 -14.50
N GLN B 32 -1.05 36.27 -14.36
CA GLN B 32 -1.02 37.54 -15.09
C GLN B 32 -0.53 37.35 -16.52
N LYS B 33 0.51 36.54 -16.68
CA LYS B 33 1.15 36.31 -17.98
C LYS B 33 0.50 35.15 -18.73
N GLN B 34 -0.81 34.94 -18.55
CA GLN B 34 -1.46 33.72 -19.03
C GLN B 34 -1.50 33.57 -20.55
N ASP B 35 -0.85 32.50 -21.01
CA ASP B 35 -0.80 32.12 -22.41
C ASP B 35 -1.96 31.17 -22.72
N THR B 36 -2.81 31.59 -23.66
CA THR B 36 -4.07 30.88 -23.95
C THR B 36 -4.08 30.17 -25.32
N SER B 37 -2.94 30.13 -25.99
CA SER B 37 -2.85 29.48 -27.29
C SER B 37 -2.90 27.96 -27.15
N ILE B 38 -3.28 27.29 -28.23
CA ILE B 38 -3.29 25.83 -28.31
C ILE B 38 -2.11 25.42 -29.16
N LYS B 39 -1.18 24.67 -28.57
CA LYS B 39 0.08 24.33 -29.24
C LYS B 39 0.13 22.84 -29.56
N PRO B 40 0.56 22.49 -30.79
CA PRO B 40 0.78 21.08 -31.13
C PRO B 40 1.85 20.46 -30.24
N PHE B 41 1.69 19.18 -29.95
CA PHE B 41 2.60 18.49 -29.04
C PHE B 41 2.95 17.10 -29.55
N GLU B 42 4.22 16.74 -29.48
CA GLU B 42 4.66 15.41 -29.88
C GLU B 42 5.19 14.59 -28.71
N ILE B 43 4.65 13.39 -28.56
CA ILE B 43 5.11 12.44 -27.56
C ILE B 43 6.48 11.90 -27.97
N THR B 44 7.46 12.01 -27.07
CA THR B 44 8.79 11.46 -27.34
C THR B 44 9.32 10.57 -26.22
N PHE B 45 9.94 9.46 -26.62
CA PHE B 45 10.74 8.67 -25.70
C PHE B 45 12.20 9.03 -25.95
N SER B 46 12.71 9.98 -25.17
CA SER B 46 14.10 10.42 -25.28
C SER B 46 15.05 9.24 -25.09
N GLU B 47 16.16 9.26 -25.83
CA GLU B 47 17.13 8.17 -25.80
C GLU B 47 17.76 7.93 -24.43
N THR B 48 17.92 9.00 -23.66
CA THR B 48 18.51 8.90 -22.32
C THR B 48 17.56 8.23 -21.31
N MET B 49 16.25 8.46 -21.46
CA MET B 49 15.25 7.82 -20.62
C MET B 49 15.17 6.33 -20.96
N VAL B 50 15.18 6.03 -22.25
CA VAL B 50 15.17 4.65 -22.75
C VAL B 50 16.39 3.87 -22.25
N LYS B 51 17.56 4.49 -22.32
CA LYS B 51 18.81 3.85 -21.90
C LYS B 51 18.85 3.59 -20.40
N GLU B 52 18.40 4.58 -19.62
CA GLU B 52 18.32 4.43 -18.16
C GLU B 52 17.36 3.31 -17.76
N LEU B 53 16.25 3.20 -18.49
CA LEU B 53 15.26 2.15 -18.25
C LEU B 53 15.83 0.77 -18.53
N LYS B 54 16.60 0.66 -19.61
CA LYS B 54 17.24 -0.60 -19.99
C LYS B 54 18.23 -1.07 -18.92
N GLU B 55 19.10 -0.16 -18.48
CA GLU B 55 20.09 -0.49 -17.45
C GLU B 55 19.43 -0.88 -16.13
N ARG B 56 18.41 -0.12 -15.75
CA ARG B 56 17.65 -0.37 -14.53
C ARG B 56 16.97 -1.74 -14.56
N ILE B 57 16.53 -2.15 -15.74
CA ILE B 57 15.93 -3.48 -15.91
C ILE B 57 16.99 -4.59 -15.86
N LYS B 58 18.09 -4.41 -16.59
CA LYS B 58 19.13 -5.44 -16.68
C LYS B 58 19.87 -5.70 -15.36
N LYS B 59 20.06 -4.65 -14.56
CA LYS B 59 20.70 -4.77 -13.25
C LYS B 59 19.68 -5.17 -12.20
N ARG B 60 19.05 -6.32 -12.42
CA ARG B 60 17.86 -6.67 -11.65
C ARG B 60 18.16 -7.49 -10.39
N ARG B 61 17.45 -7.14 -9.32
CA ARG B 61 17.48 -7.88 -8.07
C ARG B 61 16.70 -9.20 -8.22
N PRO B 62 17.13 -10.25 -7.50
CA PRO B 62 16.34 -11.48 -7.48
C PRO B 62 15.18 -11.31 -6.50
N PHE B 63 13.97 -11.45 -7.00
CA PHE B 63 12.79 -11.24 -6.18
C PHE B 63 12.42 -12.50 -5.40
N ALA B 64 11.80 -12.30 -4.24
CA ALA B 64 11.27 -13.40 -3.45
C ALA B 64 10.34 -14.26 -4.30
N PRO B 65 10.55 -15.60 -4.27
CA PRO B 65 9.67 -16.49 -5.01
C PRO B 65 8.23 -16.48 -4.45
N PRO B 66 7.24 -16.72 -5.33
CA PRO B 66 5.83 -16.75 -4.93
C PRO B 66 5.51 -18.03 -4.14
N LEU B 67 4.40 -18.00 -3.41
CA LEU B 67 3.90 -19.18 -2.72
C LEU B 67 3.43 -20.24 -3.72
N GLU B 68 3.67 -21.51 -3.38
CA GLU B 68 3.28 -22.67 -4.17
C GLU B 68 1.81 -22.65 -4.64
N GLY B 69 1.62 -22.73 -5.96
CA GLY B 69 0.29 -22.90 -6.59
C GLY B 69 -0.75 -21.85 -6.32
N VAL B 70 -0.38 -20.61 -6.03
CA VAL B 70 -1.35 -19.57 -5.70
C VAL B 70 -1.74 -18.58 -6.77
N GLY B 71 -1.04 -18.59 -7.88
CA GLY B 71 -1.45 -17.71 -8.99
C GLY B 71 -1.25 -16.25 -8.65
N PHE B 72 -2.21 -15.41 -9.02
CA PHE B 72 -2.21 -13.98 -8.67
C PHE B 72 -3.00 -13.65 -7.41
N LYS B 73 -3.27 -14.67 -6.58
CA LYS B 73 -4.12 -14.49 -5.40
C LYS B 73 -3.47 -13.69 -4.26
N TYR B 74 -2.15 -13.58 -4.27
CA TYR B 74 -1.47 -12.73 -3.30
C TYR B 74 -0.96 -11.47 -3.98
N GLY B 75 -1.51 -11.20 -5.16
CA GLY B 75 -1.04 -10.12 -5.99
C GLY B 75 -0.12 -10.67 -7.05
N PHE B 76 0.58 -9.77 -7.75
CA PHE B 76 1.38 -10.14 -8.91
C PHE B 76 2.37 -11.25 -8.61
N ASN B 77 2.33 -12.31 -9.43
CA ASN B 77 3.21 -13.48 -9.29
C ASN B 77 4.61 -13.23 -9.84
N SER B 78 5.61 -13.30 -8.96
CA SER B 78 6.97 -12.83 -9.29
C SER B 78 7.73 -13.69 -10.30
N LYS B 79 7.27 -14.92 -10.54
CA LYS B 79 7.78 -15.76 -11.63
C LYS B 79 7.61 -15.14 -13.02
N GLN B 80 6.59 -14.29 -13.17
CA GLN B 80 6.26 -13.65 -14.44
C GLN B 80 7.13 -12.42 -14.69
N LEU B 81 7.84 -11.97 -13.66
CA LEU B 81 8.60 -10.74 -13.76
C LEU B 81 9.73 -10.81 -14.79
N ASP B 82 10.39 -11.93 -14.89
CA ASP B 82 11.49 -12.02 -15.81
C ASP B 82 11.07 -11.79 -17.24
N SER B 83 10.08 -12.55 -17.67
CA SER B 83 9.57 -12.43 -19.05
C SER B 83 9.09 -11.03 -19.42
N TRP B 84 8.30 -10.41 -18.53
CA TRP B 84 7.81 -9.05 -18.78
C TRP B 84 8.92 -8.07 -18.92
N LEU B 85 9.82 -8.05 -17.94
CA LEU B 85 10.88 -7.06 -17.88
C LEU B 85 11.91 -7.25 -18.98
N LYS B 86 12.14 -8.51 -19.35
CA LYS B 86 13.04 -8.87 -20.43
C LYS B 86 12.45 -8.42 -21.77
N TYR B 87 11.15 -8.65 -21.96
CA TYR B 87 10.46 -8.19 -23.16
C TYR B 87 10.58 -6.67 -23.29
N TRP B 88 10.25 -5.98 -22.20
CA TRP B 88 10.29 -4.53 -22.15
C TRP B 88 11.66 -4.01 -22.51
N ALA B 89 12.70 -4.69 -22.05
CA ALA B 89 14.07 -4.22 -22.27
C ALA B 89 14.66 -4.57 -23.63
N GLU B 90 14.18 -5.65 -24.25
CA GLU B 90 14.83 -6.21 -25.44
C GLU B 90 13.94 -6.26 -26.67
N GLU B 91 12.63 -6.42 -26.46
CA GLU B 91 11.71 -6.70 -27.57
C GLU B 91 10.73 -5.55 -27.84
N TYR B 92 10.34 -4.81 -26.80
CA TYR B 92 9.48 -3.62 -26.95
C TYR B 92 10.15 -2.52 -27.81
N PRO B 93 9.59 -2.26 -29.00
CA PRO B 93 10.26 -1.38 -29.97
C PRO B 93 9.96 0.11 -29.73
N PHE B 94 10.79 0.74 -28.91
CA PHE B 94 10.53 2.09 -28.39
C PHE B 94 10.26 3.15 -29.45
N ALA B 95 11.16 3.28 -30.42
CA ALA B 95 11.04 4.28 -31.47
C ALA B 95 9.77 4.08 -32.30
N GLU B 96 9.43 2.81 -32.52
CA GLU B 96 8.26 2.40 -33.28
C GLU B 96 6.95 2.67 -32.51
N ARG B 97 6.97 2.47 -31.20
CA ARG B 97 5.80 2.73 -30.35
C ARG B 97 5.54 4.22 -30.20
N GLN B 98 6.61 5.01 -30.17
CA GLN B 98 6.51 6.47 -30.16
C GLN B 98 5.78 6.96 -31.41
N LYS B 99 6.06 6.34 -32.55
CA LYS B 99 5.40 6.69 -33.80
C LYS B 99 3.93 6.30 -33.77
N PHE B 100 3.64 5.09 -33.29
CA PHE B 100 2.26 4.66 -33.06
C PHE B 100 1.49 5.68 -32.20
N LEU B 101 2.14 6.18 -31.15
CA LEU B 101 1.46 7.10 -30.24
C LEU B 101 1.19 8.46 -30.88
N ASN B 102 2.03 8.83 -31.85
CA ASN B 102 1.88 10.08 -32.57
C ASN B 102 1.10 9.98 -33.89
N GLN B 103 0.37 8.89 -34.09
CA GLN B 103 -0.45 8.72 -35.30
C GLN B 103 -1.67 9.66 -35.31
N TYR B 104 -2.00 10.21 -34.14
CA TYR B 104 -3.08 11.17 -33.99
C TYR B 104 -2.55 12.50 -33.46
N PRO B 105 -3.20 13.62 -33.82
CA PRO B 105 -2.78 14.95 -33.34
C PRO B 105 -2.93 15.15 -31.82
N HIS B 106 -1.84 15.56 -31.17
CA HIS B 106 -1.84 15.91 -29.75
C HIS B 106 -1.58 17.38 -29.56
N PHE B 107 -2.21 17.95 -28.55
CA PHE B 107 -2.05 19.36 -28.24
C PHE B 107 -1.90 19.61 -26.75
N LYS B 108 -1.40 20.80 -26.41
CA LYS B 108 -1.32 21.30 -25.05
C LYS B 108 -1.86 22.72 -25.01
N THR B 109 -2.62 23.02 -23.96
CA THR B 109 -3.06 24.39 -23.69
C THR B 109 -3.20 24.59 -22.18
N ASN B 110 -2.92 25.80 -21.71
CA ASN B 110 -2.98 26.15 -20.29
C ASN B 110 -4.39 26.47 -19.85
N ILE B 111 -4.91 25.68 -18.91
CA ILE B 111 -6.23 25.90 -18.33
C ILE B 111 -5.99 26.02 -16.84
N GLN B 112 -6.27 27.20 -16.29
CA GLN B 112 -6.20 27.43 -14.84
C GLN B 112 -4.82 27.15 -14.25
N GLY B 113 -3.78 27.43 -15.02
CA GLY B 113 -2.40 27.26 -14.57
C GLY B 113 -1.76 25.94 -14.94
N LEU B 114 -2.58 25.01 -15.43
CA LEU B 114 -2.08 23.70 -15.81
C LEU B 114 -2.03 23.53 -17.33
N ASN B 115 -0.88 23.12 -17.84
CA ASN B 115 -0.78 22.72 -19.23
C ASN B 115 -1.43 21.35 -19.39
N ILE B 116 -2.64 21.36 -19.95
CA ILE B 116 -3.45 20.17 -20.16
C ILE B 116 -3.20 19.60 -21.55
N HIS B 117 -2.81 18.33 -21.59
CA HIS B 117 -2.68 17.57 -22.83
C HIS B 117 -4.01 17.03 -23.30
N PHE B 118 -4.23 17.05 -24.60
CA PHE B 118 -5.37 16.36 -25.21
C PHE B 118 -5.08 15.86 -26.64
N MET B 119 -5.73 14.74 -27.00
CA MET B 119 -5.80 14.26 -28.37
C MET B 119 -7.02 14.85 -29.05
N ARG B 120 -6.86 15.23 -30.32
CA ARG B 120 -7.99 15.72 -31.11
C ARG B 120 -8.03 15.04 -32.46
N ILE B 121 -9.13 14.33 -32.72
CA ILE B 121 -9.32 13.59 -33.95
C ILE B 121 -10.57 14.11 -34.66
N THR B 122 -10.34 14.70 -35.83
CA THR B 122 -11.37 15.35 -36.63
C THR B 122 -11.59 14.57 -37.93
N PRO B 123 -12.83 14.12 -38.18
CA PRO B 123 -13.09 13.43 -39.44
C PRO B 123 -13.22 14.38 -40.64
N LYS B 124 -12.87 13.89 -41.82
CA LYS B 124 -13.09 14.63 -43.07
C LYS B 124 -14.49 14.32 -43.59
N VAL B 125 -15.33 15.34 -43.62
CA VAL B 125 -16.76 15.15 -43.82
C VAL B 125 -17.29 15.86 -45.07
N PRO B 126 -18.16 15.19 -45.84
CA PRO B 126 -18.88 15.87 -46.91
C PRO B 126 -20.04 16.73 -46.38
N LYS B 127 -20.54 17.66 -47.20
CA LYS B 127 -21.64 18.54 -46.82
C LYS B 127 -22.93 17.77 -46.47
N GLY B 128 -23.67 18.28 -45.50
CA GLY B 128 -24.85 17.58 -44.98
C GLY B 128 -24.55 16.69 -43.78
N VAL B 129 -23.27 16.61 -43.41
CA VAL B 129 -22.86 15.84 -42.24
C VAL B 129 -22.32 16.76 -41.14
N GLU B 130 -23.00 16.77 -39.99
CA GLU B 130 -22.58 17.59 -38.86
C GLU B 130 -21.42 16.92 -38.11
N ILE B 131 -20.40 17.72 -37.77
CA ILE B 131 -19.32 17.26 -36.92
C ILE B 131 -19.73 17.48 -35.46
N VAL B 132 -19.88 16.39 -34.72
CA VAL B 132 -20.33 16.44 -33.33
C VAL B 132 -19.19 16.11 -32.38
N PRO B 133 -18.89 17.02 -31.43
CA PRO B 133 -17.80 16.84 -30.46
C PRO B 133 -18.12 15.89 -29.29
N LEU B 134 -17.23 14.91 -29.07
CA LEU B 134 -17.35 14.00 -27.93
C LEU B 134 -16.11 14.04 -27.04
N LEU B 135 -16.34 14.32 -25.77
CA LEU B 135 -15.28 14.34 -24.77
C LEU B 135 -15.14 12.95 -24.12
N LEU B 136 -13.98 12.38 -24.21
CA LEU B 136 -13.74 11.03 -23.85
C LEU B 136 -12.72 10.99 -22.75
N LEU B 137 -13.08 10.43 -21.63
CA LEU B 137 -12.33 10.54 -20.41
C LEU B 137 -11.86 9.23 -19.82
N HIS B 138 -10.55 9.06 -19.67
CA HIS B 138 -9.99 7.86 -19.08
C HIS B 138 -9.81 7.95 -17.59
N GLY B 139 -9.68 6.79 -16.95
CA GLY B 139 -9.46 6.69 -15.52
C GLY B 139 -8.09 6.19 -15.06
N TRP B 140 -8.01 5.63 -13.87
CA TRP B 140 -6.74 5.13 -13.38
C TRP B 140 -6.86 3.66 -13.20
N PRO B 141 -5.82 2.89 -13.51
CA PRO B 141 -4.50 3.32 -13.95
C PRO B 141 -4.37 3.26 -15.47
N GLY B 142 -5.33 3.83 -16.17
CA GLY B 142 -5.26 3.90 -17.63
C GLY B 142 -4.74 5.23 -18.12
N SER B 143 -5.09 5.58 -19.34
CA SER B 143 -4.59 6.78 -20.00
C SER B 143 -5.30 6.90 -21.35
N VAL B 144 -4.95 7.93 -22.11
CA VAL B 144 -5.51 8.11 -23.47
C VAL B 144 -5.18 6.94 -24.39
N ARG B 145 -4.21 6.12 -23.98
CA ARG B 145 -3.88 4.89 -24.71
C ARG B 145 -5.09 3.95 -24.84
N GLU B 146 -5.90 3.87 -23.78
CA GLU B 146 -7.13 3.07 -23.76
C GLU B 146 -8.01 3.26 -25.00
N PHE B 147 -8.03 4.48 -25.54
CA PHE B 147 -8.99 4.82 -26.58
C PHE B 147 -8.52 4.57 -28.02
N TYR B 148 -7.22 4.41 -28.23
CA TYR B 148 -6.62 4.36 -29.58
C TYR B 148 -7.32 3.55 -30.67
N GLU B 149 -7.60 2.28 -30.40
CA GLU B 149 -8.25 1.43 -31.43
C GLU B 149 -9.77 1.57 -31.50
N ALA B 150 -10.36 2.30 -30.55
CA ALA B 150 -11.77 2.66 -30.64
C ALA B 150 -11.98 3.85 -31.58
N ILE B 151 -10.97 4.71 -31.67
CA ILE B 151 -11.01 5.95 -32.48
C ILE B 151 -11.40 5.79 -33.97
N PRO B 152 -10.82 4.81 -34.70
CA PRO B 152 -11.23 4.68 -36.11
C PRO B 152 -12.71 4.37 -36.30
N HIS B 153 -13.31 3.63 -35.38
CA HIS B 153 -14.74 3.33 -35.45
C HIS B 153 -15.61 4.46 -34.98
N LEU B 154 -15.15 5.17 -33.94
CA LEU B 154 -15.87 6.33 -33.41
C LEU B 154 -15.95 7.49 -34.40
N THR B 155 -14.87 7.69 -35.17
CA THR B 155 -14.76 8.84 -36.07
C THR B 155 -15.14 8.51 -37.52
N ALA B 156 -15.58 7.28 -37.76
CA ALA B 156 -15.93 6.81 -39.10
C ALA B 156 -17.08 7.62 -39.72
N VAL B 157 -16.88 8.02 -40.97
CA VAL B 157 -17.91 8.75 -41.71
C VAL B 157 -18.82 7.78 -42.43
N SER B 158 -20.08 7.75 -41.99
CA SER B 158 -21.06 6.85 -42.57
C SER B 158 -22.02 7.58 -43.51
N LYS B 159 -22.26 6.98 -44.68
CA LYS B 159 -23.30 7.43 -45.61
C LYS B 159 -24.69 7.31 -44.99
N ASP B 160 -24.83 6.42 -44.01
CA ASP B 160 -26.11 6.17 -43.33
C ASP B 160 -26.39 7.13 -42.18
N ARG B 161 -25.43 7.99 -41.83
CA ARG B 161 -25.57 8.89 -40.67
C ARG B 161 -25.46 10.36 -41.06
N ASN B 162 -26.23 11.21 -40.41
CA ASN B 162 -26.14 12.65 -40.62
C ASN B 162 -25.13 13.38 -39.78
N PHE B 163 -24.33 12.65 -39.05
CA PHE B 163 -23.26 13.22 -38.22
C PHE B 163 -22.06 12.29 -38.15
N ALA B 164 -20.89 12.88 -37.92
CA ALA B 164 -19.68 12.14 -37.58
C ALA B 164 -19.08 12.71 -36.30
N LEU B 165 -18.47 11.86 -35.49
CA LEU B 165 -17.90 12.31 -34.23
C LEU B 165 -16.52 12.90 -34.37
N GLU B 166 -16.29 14.03 -33.71
CA GLU B 166 -14.96 14.51 -33.44
C GLU B 166 -14.65 14.24 -31.97
N ILE B 167 -13.50 13.68 -31.69
CA ILE B 167 -13.09 13.25 -30.36
C ILE B 167 -12.11 14.18 -29.68
N ILE B 168 -12.38 14.52 -28.44
CA ILE B 168 -11.40 15.15 -27.58
C ILE B 168 -11.11 14.20 -26.43
N ALA B 169 -9.85 13.81 -26.30
CA ALA B 169 -9.43 12.90 -25.24
C ALA B 169 -8.27 13.49 -24.46
N PRO B 170 -8.55 14.09 -23.30
CA PRO B 170 -7.52 14.72 -22.47
C PRO B 170 -6.85 13.75 -21.50
N SER B 171 -5.62 14.09 -21.10
CA SER B 171 -4.99 13.45 -19.97
C SER B 171 -5.54 14.14 -18.73
N LEU B 172 -6.02 13.35 -17.77
CA LEU B 172 -6.41 13.88 -16.47
C LEU B 172 -5.22 14.61 -15.86
N PRO B 173 -5.46 15.73 -15.15
CA PRO B 173 -4.38 16.47 -14.50
C PRO B 173 -3.55 15.56 -13.58
N GLY B 174 -2.24 15.59 -13.76
CA GLY B 174 -1.33 14.71 -13.02
C GLY B 174 -1.21 13.32 -13.62
N TYR B 175 -1.91 13.11 -14.74
CA TYR B 175 -1.82 11.89 -15.51
C TYR B 175 -1.17 12.19 -16.87
N GLY B 176 -0.49 11.19 -17.43
CA GLY B 176 0.10 11.29 -18.76
C GLY B 176 0.89 12.57 -18.95
N PHE B 177 0.43 13.42 -19.86
CA PHE B 177 1.20 14.62 -20.20
C PHE B 177 0.61 15.93 -19.70
N SER B 178 -0.39 15.83 -18.83
CA SER B 178 -1.04 16.99 -18.20
C SER B 178 -0.47 17.27 -16.80
N ASP B 179 -0.19 18.55 -16.55
CA ASP B 179 0.43 19.04 -15.31
C ASP B 179 -0.37 18.71 -14.07
N ALA B 180 0.34 18.40 -12.99
CA ALA B 180 -0.25 18.18 -11.68
C ALA B 180 -0.51 19.50 -10.97
N ALA B 181 -1.52 19.49 -10.10
CA ALA B 181 -1.80 20.60 -9.22
C ALA B 181 -0.63 20.80 -8.26
N VAL B 182 -0.37 22.05 -7.88
CA VAL B 182 0.74 22.37 -6.98
C VAL B 182 0.28 22.54 -5.51
N ARG B 183 -1.03 22.46 -5.28
CA ARG B 183 -1.61 22.65 -3.95
C ARG B 183 -2.80 21.70 -3.72
N PRO B 184 -3.10 21.38 -2.44
CA PRO B 184 -4.23 20.48 -2.13
C PRO B 184 -5.58 20.94 -2.68
N GLY B 185 -6.42 19.99 -3.08
CA GLY B 185 -7.82 20.29 -3.36
C GLY B 185 -8.38 19.84 -4.70
N LEU B 186 -7.52 19.42 -5.63
CA LEU B 186 -7.97 19.06 -6.97
C LEU B 186 -8.54 17.64 -6.99
N ALA B 187 -9.83 17.55 -6.67
CA ALA B 187 -10.57 16.31 -6.73
C ALA B 187 -11.40 16.29 -8.01
N ALA B 188 -12.19 15.24 -8.21
CA ALA B 188 -12.91 15.05 -9.47
C ALA B 188 -13.79 16.23 -9.86
N ALA B 189 -14.52 16.78 -8.89
CA ALA B 189 -15.39 17.95 -9.10
C ALA B 189 -14.67 19.14 -9.72
N GLU B 190 -13.45 19.40 -9.29
CA GLU B 190 -12.58 20.42 -9.82
C GLU B 190 -12.07 20.13 -11.21
N VAL B 191 -11.89 18.87 -11.52
CA VAL B 191 -11.47 18.43 -12.87
C VAL B 191 -12.63 18.63 -13.86
N ALA B 192 -13.87 18.45 -13.36
CA ALA B 192 -15.07 18.76 -14.13
C ALA B 192 -15.09 20.22 -14.60
N VAL B 193 -14.65 21.12 -13.71
CA VAL B 193 -14.50 22.55 -14.03
C VAL B 193 -13.43 22.76 -15.11
N ILE B 194 -12.26 22.15 -14.92
CA ILE B 194 -11.13 22.30 -15.86
C ILE B 194 -11.49 21.87 -17.28
N PHE B 195 -12.21 20.76 -17.41
CA PHE B 195 -12.56 20.23 -18.72
C PHE B 195 -13.69 21.02 -19.37
N LYS B 196 -14.57 21.60 -18.54
CA LYS B 196 -15.56 22.58 -19.01
C LYS B 196 -14.84 23.75 -19.68
N ASN B 197 -13.80 24.27 -19.02
CA ASN B 197 -13.00 25.38 -19.54
C ASN B 197 -12.15 24.98 -20.74
N LEU B 198 -11.77 23.70 -20.81
CA LEU B 198 -11.03 23.18 -21.95
C LEU B 198 -11.90 23.24 -23.20
N MET B 199 -13.15 22.77 -23.06
CA MET B 199 -14.07 22.69 -24.20
C MET B 199 -14.44 24.09 -24.74
N ALA B 200 -14.54 25.05 -23.83
CA ALA B 200 -14.80 26.45 -24.18
C ALA B 200 -13.60 27.07 -24.88
N ARG B 201 -12.39 26.76 -24.40
CA ARG B 201 -11.16 27.20 -25.04
C ARG B 201 -11.03 26.66 -26.47
N LEU B 202 -11.59 25.48 -26.70
CA LEU B 202 -11.56 24.86 -28.03
C LEU B 202 -12.69 25.35 -28.93
N GLY B 203 -13.66 26.05 -28.34
CA GLY B 203 -14.73 26.68 -29.09
C GLY B 203 -16.01 25.87 -29.21
N TYR B 204 -16.27 25.00 -28.23
CA TYR B 204 -17.51 24.23 -28.22
C TYR B 204 -18.46 24.75 -27.17
N LYS B 205 -19.71 24.95 -27.56
CA LYS B 205 -20.72 25.46 -26.65
C LYS B 205 -21.57 24.34 -26.11
N GLN B 206 -21.71 23.26 -26.90
CA GLN B 206 -22.35 22.02 -26.46
C GLN B 206 -21.59 20.79 -26.94
N TYR B 207 -21.60 19.74 -26.13
CA TYR B 207 -20.88 18.50 -26.43
C TYR B 207 -21.41 17.29 -25.66
N TYR B 208 -20.98 16.10 -26.09
CA TYR B 208 -21.25 14.86 -25.36
C TYR B 208 -20.05 14.45 -24.52
N VAL B 209 -20.32 13.74 -23.42
CA VAL B 209 -19.26 13.22 -22.56
C VAL B 209 -19.35 11.70 -22.44
N GLN B 210 -18.19 11.04 -22.52
CA GLN B 210 -18.07 9.62 -22.22
C GLN B 210 -16.96 9.36 -21.20
N GLY B 211 -17.25 8.54 -20.19
CA GLY B 211 -16.20 8.09 -19.29
C GLY B 211 -16.48 6.81 -18.51
N GLY B 212 -15.41 6.10 -18.16
CA GLY B 212 -15.46 5.02 -17.17
C GLY B 212 -14.51 5.41 -16.05
N ASP B 213 -14.63 4.75 -14.89
CA ASP B 213 -13.72 4.99 -13.75
C ASP B 213 -13.83 6.48 -13.36
N TRP B 214 -12.70 7.14 -13.11
CA TRP B 214 -12.69 8.59 -12.89
C TRP B 214 -13.40 9.36 -13.97
N GLY B 215 -13.34 8.86 -15.21
CA GLY B 215 -14.07 9.47 -16.31
C GLY B 215 -15.58 9.55 -16.09
N ALA B 216 -16.15 8.49 -15.54
CA ALA B 216 -17.58 8.45 -15.23
C ALA B 216 -17.97 9.44 -14.14
N LEU B 217 -17.14 9.54 -13.09
CA LEU B 217 -17.43 10.47 -11.99
C LEU B 217 -17.23 11.93 -12.40
N ILE B 218 -16.20 12.20 -13.20
CA ILE B 218 -15.95 13.53 -13.72
C ILE B 218 -17.05 13.97 -14.71
N GLY B 219 -17.40 13.08 -15.63
CA GLY B 219 -18.48 13.35 -16.59
C GLY B 219 -19.81 13.57 -15.88
N SER B 220 -20.08 12.73 -14.89
CA SER B 220 -21.27 12.83 -14.09
C SER B 220 -21.36 14.23 -13.49
N ALA B 221 -20.25 14.67 -12.90
CA ALA B 221 -20.16 16.00 -12.30
C ALA B 221 -20.35 17.10 -13.33
N MET B 222 -19.79 16.90 -14.52
CA MET B 222 -19.91 17.88 -15.59
C MET B 222 -21.37 18.08 -15.99
N ALA B 223 -22.07 16.97 -16.21
CA ALA B 223 -23.47 16.99 -16.59
C ALA B 223 -24.34 17.59 -15.47
N THR B 224 -23.90 17.43 -14.23
CA THR B 224 -24.61 17.97 -13.08
C THR B 224 -24.43 19.49 -12.91
N PHE B 225 -23.23 19.99 -13.18
CA PHE B 225 -22.92 21.42 -12.96
C PHE B 225 -23.27 22.30 -14.15
N PHE B 226 -23.15 21.74 -15.35
CA PHE B 226 -23.31 22.52 -16.58
C PHE B 226 -24.27 21.82 -17.54
N PRO B 227 -25.55 21.67 -17.13
CA PRO B 227 -26.51 20.88 -17.91
C PRO B 227 -26.78 21.48 -19.29
N LYS B 228 -26.54 22.78 -19.44
CA LYS B 228 -26.81 23.49 -20.68
C LYS B 228 -25.79 23.20 -21.78
N GLU B 229 -24.61 22.69 -21.40
CA GLU B 229 -23.58 22.39 -22.41
C GLU B 229 -23.33 20.89 -22.64
N ILE B 230 -23.75 20.06 -21.69
CA ILE B 230 -23.66 18.62 -21.86
C ILE B 230 -25.00 18.13 -22.40
N ILE B 231 -25.00 17.75 -23.67
CA ILE B 231 -26.25 17.38 -24.34
C ILE B 231 -26.45 15.87 -24.35
N GLY B 232 -25.50 15.14 -23.76
CA GLY B 232 -25.59 13.69 -23.65
C GLY B 232 -24.41 13.12 -22.89
N PHE B 233 -24.70 12.15 -22.04
CA PHE B 233 -23.69 11.53 -21.19
C PHE B 233 -23.78 10.01 -21.27
N HIS B 234 -22.71 9.41 -21.79
CA HIS B 234 -22.53 7.95 -21.87
C HIS B 234 -21.57 7.53 -20.82
N SER B 235 -22.04 6.73 -19.87
CA SER B 235 -21.18 6.21 -18.81
C SER B 235 -21.02 4.71 -18.94
N ASN B 236 -19.82 4.20 -18.65
CA ASN B 236 -19.61 2.75 -18.64
C ASN B 236 -19.15 2.21 -17.27
N MET B 237 -19.06 3.10 -16.28
CA MET B 237 -19.02 2.70 -14.87
C MET B 237 -20.24 3.26 -14.15
N ALA B 238 -21.23 2.39 -13.93
CA ALA B 238 -22.47 2.78 -13.25
C ALA B 238 -22.22 3.14 -11.77
N THR B 277 -16.22 -10.89 -2.75
CA THR B 277 -14.87 -10.74 -3.30
C THR B 277 -14.45 -9.27 -3.36
N LEU B 278 -15.37 -8.38 -2.95
CA LEU B 278 -15.18 -6.93 -3.07
C LEU B 278 -14.08 -6.36 -2.17
N LEU B 279 -14.10 -6.70 -0.89
CA LEU B 279 -13.13 -6.15 0.08
C LEU B 279 -11.68 -6.54 -0.22
N GLU B 280 -11.54 -7.70 -0.85
CA GLU B 280 -10.25 -8.21 -1.30
C GLU B 280 -9.59 -7.31 -2.35
N GLU B 281 -10.38 -6.42 -2.97
CA GLU B 281 -9.90 -5.63 -4.10
C GLU B 281 -9.83 -4.12 -3.86
N LEU B 282 -9.78 -3.70 -2.60
CA LEU B 282 -9.89 -2.27 -2.25
C LEU B 282 -8.66 -1.67 -1.58
N GLY B 283 -7.64 -2.49 -1.32
CA GLY B 283 -6.39 -2.05 -0.70
C GLY B 283 -5.68 -0.92 -1.42
N TYR B 284 -5.66 -0.98 -2.77
CA TYR B 284 -5.02 0.07 -3.57
C TYR B 284 -5.71 1.42 -3.33
N MET B 285 -7.04 1.39 -3.24
CA MET B 285 -7.82 2.60 -3.04
C MET B 285 -7.54 3.22 -1.67
N HIS B 286 -7.46 2.37 -0.65
CA HIS B 286 -7.26 2.79 0.75
C HIS B 286 -5.94 3.47 0.94
N ILE B 287 -4.87 2.89 0.40
CA ILE B 287 -3.55 3.48 0.56
C ILE B 287 -3.37 4.74 -0.30
N GLN B 288 -3.88 4.73 -1.53
CA GLN B 288 -3.75 5.90 -2.40
C GLN B 288 -4.55 7.09 -1.88
N ALA B 289 -5.69 6.80 -1.25
CA ALA B 289 -6.51 7.84 -0.68
C ALA B 289 -5.89 8.49 0.57
N THR B 290 -4.89 7.84 1.18
CA THR B 290 -4.33 8.33 2.44
C THR B 290 -2.84 8.66 2.38
N LYS B 291 -2.05 7.79 1.77
CA LYS B 291 -0.61 7.98 1.71
C LYS B 291 -0.05 7.80 0.31
N PRO B 292 -0.63 8.51 -0.69
CA PRO B 292 -0.19 8.34 -2.07
C PRO B 292 1.30 8.63 -2.27
N ASP B 293 1.85 9.57 -1.50
CA ASP B 293 3.25 9.95 -1.66
C ASP B 293 4.25 8.89 -1.17
N THR B 294 3.81 8.02 -0.26
CA THR B 294 4.67 6.96 0.26
C THR B 294 4.77 5.85 -0.76
N VAL B 295 3.63 5.20 -1.02
CA VAL B 295 3.53 4.09 -1.94
C VAL B 295 4.04 4.46 -3.34
N GLY B 296 3.93 5.73 -3.69
CA GLY B 296 4.29 6.18 -5.02
C GLY B 296 5.78 6.26 -5.30
N ILE B 297 6.60 6.31 -4.25
CA ILE B 297 8.04 6.52 -4.41
C ILE B 297 8.73 5.28 -4.96
N GLY B 298 8.46 4.12 -4.34
CA GLY B 298 8.92 2.85 -4.88
C GLY B 298 8.59 2.73 -6.36
N LEU B 299 7.32 2.98 -6.70
CA LEU B 299 6.82 2.84 -8.08
C LEU B 299 7.46 3.80 -9.09
N THR B 300 7.96 4.94 -8.60
CA THR B 300 8.63 5.91 -9.44
C THR B 300 10.05 5.46 -9.80
N ASP B 301 10.65 4.69 -8.89
CA ASP B 301 12.04 4.29 -8.99
C ASP B 301 12.20 2.92 -9.64
N SER B 302 11.23 2.04 -9.43
CA SER B 302 11.34 0.63 -9.85
C SER B 302 10.42 0.25 -11.01
N PRO B 303 10.99 -0.09 -12.17
CA PRO B 303 10.21 -0.57 -13.32
C PRO B 303 9.41 -1.83 -13.01
N ALA B 304 10.00 -2.71 -12.20
CA ALA B 304 9.31 -3.93 -11.77
C ALA B 304 8.11 -3.60 -10.89
N GLY B 305 8.33 -2.66 -9.96
CA GLY B 305 7.29 -2.22 -9.05
C GLY B 305 6.10 -1.61 -9.78
N LEU B 306 6.40 -0.69 -10.70
CA LEU B 306 5.35 -0.02 -11.49
C LEU B 306 4.58 -1.03 -12.35
N LEU B 307 5.31 -1.94 -12.99
CA LEU B 307 4.70 -2.96 -13.84
C LEU B 307 3.81 -3.90 -13.02
N ALA B 308 4.31 -4.34 -11.87
CA ALA B 308 3.53 -5.21 -10.99
C ALA B 308 2.25 -4.52 -10.52
N TYR B 309 2.38 -3.27 -10.09
CA TYR B 309 1.27 -2.53 -9.48
C TYR B 309 0.15 -2.26 -10.48
N ILE B 310 0.53 -1.83 -11.69
CA ILE B 310 -0.45 -1.47 -12.72
C ILE B 310 -1.07 -2.70 -13.40
N LEU B 311 -0.25 -3.66 -13.82
CA LEU B 311 -0.78 -4.84 -14.54
C LEU B 311 -1.69 -5.76 -13.70
N GLU B 312 -1.49 -5.79 -12.38
CA GLU B 312 -2.39 -6.55 -11.50
C GLU B 312 -3.83 -6.15 -11.73
N LYS B 313 -4.05 -4.87 -12.01
CA LYS B 313 -5.38 -4.30 -12.24
C LYS B 313 -5.95 -4.69 -13.60
N PHE B 314 -5.10 -4.71 -14.63
CA PHE B 314 -5.51 -5.15 -15.95
C PHE B 314 -5.84 -6.64 -15.95
N SER B 315 -5.28 -7.34 -14.98
CA SER B 315 -5.61 -8.74 -14.74
C SER B 315 -7.01 -8.82 -14.11
N THR B 316 -7.11 -8.42 -12.84
CA THR B 316 -8.34 -8.59 -12.04
C THR B 316 -9.58 -7.88 -12.58
N TRP B 317 -9.44 -6.62 -12.97
CA TRP B 317 -10.61 -5.85 -13.40
C TRP B 317 -11.15 -6.24 -14.74
N THR B 318 -10.35 -6.96 -15.53
CA THR B 318 -10.82 -7.53 -16.79
C THR B 318 -11.69 -8.77 -16.54
N ASN B 319 -11.27 -9.61 -15.60
CA ASN B 319 -11.99 -10.81 -15.19
C ASN B 319 -11.42 -11.37 -13.87
N PRO B 320 -12.20 -11.26 -12.77
CA PRO B 320 -11.76 -11.66 -11.43
C PRO B 320 -11.26 -13.11 -11.31
N ASP B 321 -11.78 -14.00 -12.15
CA ASP B 321 -11.35 -15.39 -12.13
C ASP B 321 -9.90 -15.61 -12.56
N LEU B 322 -9.33 -14.64 -13.27
CA LEU B 322 -7.94 -14.74 -13.73
C LEU B 322 -6.93 -14.61 -12.60
N ARG B 323 -7.41 -14.28 -11.40
CA ARG B 323 -6.55 -14.26 -10.20
C ARG B 323 -6.00 -15.65 -9.87
N SER B 324 -6.68 -16.69 -10.34
CA SER B 324 -6.25 -18.06 -10.12
C SER B 324 -5.06 -18.46 -10.99
N LYS B 325 -4.92 -17.81 -12.14
CA LYS B 325 -3.86 -18.17 -13.10
C LYS B 325 -2.49 -17.77 -12.61
N GLU B 326 -1.49 -18.61 -12.89
CA GLU B 326 -0.11 -18.28 -12.61
C GLU B 326 0.36 -17.03 -13.36
N ASP B 327 -0.14 -16.84 -14.59
CA ASP B 327 0.31 -15.73 -15.42
C ASP B 327 -0.57 -14.47 -15.44
N GLY B 328 -1.73 -14.51 -14.80
CA GLY B 328 -2.53 -13.28 -14.78
C GLY B 328 -4.01 -13.28 -15.09
N GLY B 329 -4.46 -13.88 -16.20
CA GLY B 329 -3.67 -14.18 -17.36
C GLY B 329 -3.56 -12.90 -18.17
N LEU B 330 -2.37 -12.34 -18.20
CA LEU B 330 -2.14 -11.07 -18.85
C LEU B 330 -2.04 -11.19 -20.37
N SER B 331 -2.25 -12.39 -20.89
CA SER B 331 -2.30 -12.64 -22.33
C SER B 331 -3.73 -12.75 -22.85
N TYR B 332 -4.68 -12.71 -21.93
CA TYR B 332 -6.11 -12.89 -22.20
C TYR B 332 -6.68 -11.96 -23.29
N ARG B 333 -6.23 -10.70 -23.30
CA ARG B 333 -6.82 -9.66 -24.16
C ARG B 333 -5.86 -8.85 -25.00
N TRP B 334 -4.72 -8.47 -24.42
CA TRP B 334 -3.81 -7.56 -25.07
C TRP B 334 -2.48 -8.16 -25.39
N THR B 335 -1.81 -7.59 -26.38
CA THR B 335 -0.40 -7.90 -26.65
C THR B 335 0.45 -7.21 -25.58
N LYS B 336 1.69 -7.68 -25.40
CA LYS B 336 2.61 -7.05 -24.46
C LYS B 336 2.86 -5.58 -24.79
N ASP B 337 2.91 -5.26 -26.08
CA ASP B 337 3.13 -3.89 -26.54
C ASP B 337 2.01 -2.96 -26.09
N GLN B 338 0.77 -3.40 -26.26
CA GLN B 338 -0.39 -2.64 -25.86
C GLN B 338 -0.34 -2.20 -24.39
N LEU B 339 -0.02 -3.14 -23.49
CA LEU B 339 0.04 -2.83 -22.05
C LEU B 339 1.25 -1.99 -21.67
N ILE B 340 2.39 -2.27 -22.30
CA ILE B 340 3.60 -1.50 -22.02
C ILE B 340 3.44 -0.04 -22.49
N ASP B 341 2.76 0.17 -23.62
CA ASP B 341 2.34 1.50 -24.06
C ASP B 341 1.71 2.32 -22.91
N ASN B 342 0.69 1.77 -22.26
CA ASN B 342 0.06 2.43 -21.10
C ASN B 342 1.03 2.64 -19.95
N LEU B 343 1.86 1.63 -19.66
CA LEU B 343 2.92 1.78 -18.64
C LEU B 343 3.86 2.95 -18.92
N MET B 344 4.21 3.12 -20.20
CA MET B 344 5.15 4.16 -20.63
C MET B 344 4.64 5.56 -20.35
N LEU B 345 3.34 5.77 -20.45
CA LEU B 345 2.77 7.09 -20.17
C LEU B 345 2.69 7.35 -18.66
N TYR B 346 3.13 6.38 -17.86
CA TYR B 346 3.33 6.58 -16.44
C TYR B 346 4.83 6.69 -16.13
N TRP B 347 5.62 5.80 -16.70
CA TRP B 347 7.06 5.76 -16.44
C TRP B 347 7.77 6.97 -16.99
N SER B 348 7.57 7.26 -18.28
CA SER B 348 8.33 8.32 -18.94
C SER B 348 7.91 9.71 -18.46
N THR B 349 6.70 9.82 -17.93
CA THR B 349 6.20 11.09 -17.42
C THR B 349 6.37 11.27 -15.90
N LYS B 350 6.85 10.23 -15.23
CA LYS B 350 7.02 10.22 -13.77
C LYS B 350 5.75 10.67 -13.05
N SER B 351 4.61 10.12 -13.45
CA SER B 351 3.34 10.64 -12.98
C SER B 351 2.57 9.74 -12.01
N ILE B 352 3.19 8.66 -11.56
CA ILE B 352 2.48 7.70 -10.71
C ILE B 352 1.95 8.31 -9.41
N VAL B 353 2.77 9.13 -8.74
CA VAL B 353 2.39 9.76 -7.48
C VAL B 353 1.25 10.74 -7.73
N THR B 354 1.46 11.63 -8.68
CA THR B 354 0.48 12.66 -9.00
C THR B 354 -0.86 12.08 -9.40
N SER B 355 -0.84 10.94 -10.11
CA SER B 355 -2.07 10.27 -10.49
C SER B 355 -2.81 9.67 -9.29
N MET B 356 -2.06 9.17 -8.32
CA MET B 356 -2.63 8.60 -7.10
C MET B 356 -3.24 9.66 -6.19
N ARG B 357 -2.73 10.88 -6.27
CA ARG B 357 -3.21 11.99 -5.42
C ARG B 357 -4.69 12.29 -5.62
N LEU B 358 -5.18 12.07 -6.83
CA LEU B 358 -6.60 12.26 -7.14
C LEU B 358 -7.49 11.50 -6.17
N TYR B 359 -7.02 10.34 -5.71
CA TYR B 359 -7.72 9.53 -4.71
C TYR B 359 -7.76 10.24 -3.37
N ALA B 360 -6.59 10.66 -2.89
CA ALA B 360 -6.50 11.42 -1.63
C ALA B 360 -7.40 12.66 -1.64
N GLU B 361 -7.45 13.38 -2.76
CA GLU B 361 -8.26 14.60 -2.86
C GLU B 361 -9.77 14.33 -2.90
N SER B 362 -10.18 13.24 -3.53
CA SER B 362 -11.59 12.89 -3.66
C SER B 362 -12.18 12.33 -2.36
N PHE B 363 -11.34 11.70 -1.55
CA PHE B 363 -11.77 11.14 -0.27
C PHE B 363 -11.47 12.08 0.89
N SER B 364 -11.60 13.38 0.64
CA SER B 364 -11.45 14.42 1.66
C SER B 364 -12.80 14.78 2.28
N SER B 365 -12.74 15.44 3.44
CA SER B 365 -13.94 15.91 4.13
C SER B 365 -14.68 16.99 3.33
N ARG B 366 -13.91 17.77 2.56
CA ARG B 366 -14.46 18.84 1.74
C ARG B 366 -15.16 18.35 0.46
N HIS B 367 -14.69 17.24 -0.10
CA HIS B 367 -15.33 16.67 -1.30
C HIS B 367 -16.54 15.83 -0.95
N PHE B 368 -16.37 14.93 0.00
CA PHE B 368 -17.47 14.07 0.48
C PHE B 368 -18.31 14.80 1.53
N ILE B 375 -26.68 13.61 -5.95
CA ILE B 375 -27.43 14.54 -6.80
C ILE B 375 -27.71 13.92 -8.18
N GLN B 376 -28.76 14.39 -8.84
CA GLN B 376 -29.26 13.79 -10.07
C GLN B 376 -28.72 14.44 -11.34
N VAL B 377 -28.50 13.61 -12.36
CA VAL B 377 -28.12 14.09 -13.68
C VAL B 377 -29.38 14.32 -14.50
N GLN B 378 -29.62 15.58 -14.88
CA GLN B 378 -30.83 15.98 -15.63
C GLN B 378 -30.55 16.13 -17.12
N VAL B 379 -29.63 15.29 -17.60
CA VAL B 379 -29.20 15.29 -18.99
C VAL B 379 -29.48 13.87 -19.50
N PRO B 380 -29.82 13.74 -20.80
CA PRO B 380 -30.01 12.38 -21.33
C PRO B 380 -28.80 11.49 -21.04
N THR B 381 -29.07 10.29 -20.55
CA THR B 381 -28.01 9.39 -20.08
C THR B 381 -28.09 8.01 -20.72
N TRP B 382 -26.93 7.45 -21.02
CA TRP B 382 -26.81 6.09 -21.50
C TRP B 382 -25.82 5.37 -20.65
N VAL B 383 -26.10 4.10 -20.37
CA VAL B 383 -25.23 3.30 -19.53
C VAL B 383 -24.91 2.01 -20.25
N LEU B 384 -23.62 1.69 -20.27
CA LEU B 384 -23.13 0.43 -20.83
C LEU B 384 -22.51 -0.37 -19.71
N GLN B 385 -23.00 -1.59 -19.51
CA GLN B 385 -22.51 -2.43 -18.43
C GLN B 385 -21.84 -3.71 -18.90
N ALA B 386 -20.59 -3.86 -18.47
CA ALA B 386 -19.85 -5.09 -18.66
C ALA B 386 -20.26 -6.08 -17.58
N LYS B 387 -20.28 -7.37 -17.92
CA LYS B 387 -20.64 -8.39 -16.94
C LYS B 387 -19.53 -8.63 -15.91
N HIS B 388 -18.28 -8.41 -16.31
CA HIS B 388 -17.12 -8.63 -15.41
C HIS B 388 -16.69 -7.39 -14.66
N GLU B 389 -17.58 -6.43 -14.47
CA GLU B 389 -17.28 -5.24 -13.67
C GLU B 389 -17.50 -5.52 -12.18
N LEU B 390 -16.79 -4.76 -11.35
CA LEU B 390 -16.69 -5.02 -9.90
C LEU B 390 -17.98 -4.75 -9.13
N ALA B 391 -18.70 -3.68 -9.48
CA ALA B 391 -19.95 -3.33 -8.79
C ALA B 391 -21.17 -3.40 -9.73
N TYR B 392 -21.67 -4.62 -9.92
CA TYR B 392 -22.84 -4.87 -10.76
C TYR B 392 -24.10 -4.34 -10.08
N GLN B 393 -24.82 -3.44 -10.77
CA GLN B 393 -25.98 -2.78 -10.18
C GLN B 393 -27.23 -2.87 -11.07
N PRO B 394 -28.38 -3.26 -10.48
CA PRO B 394 -29.66 -3.43 -11.19
C PRO B 394 -30.17 -2.15 -11.87
N PRO B 395 -30.88 -2.30 -13.02
CA PRO B 395 -31.40 -1.18 -13.82
C PRO B 395 -32.37 -0.24 -13.09
N CYS B 396 -32.99 -0.71 -12.01
CA CYS B 396 -33.94 0.10 -11.24
C CYS B 396 -33.27 1.18 -10.39
N ILE B 397 -32.10 0.86 -9.82
CA ILE B 397 -31.37 1.81 -8.98
C ILE B 397 -30.56 2.83 -9.80
N LEU B 398 -30.50 2.61 -11.12
CA LEU B 398 -29.85 3.53 -12.04
C LEU B 398 -30.73 4.74 -12.34
N LYS B 399 -32.05 4.52 -12.33
CA LYS B 399 -33.03 5.60 -12.53
C LYS B 399 -33.08 6.56 -11.34
N MET B 400 -32.62 6.10 -10.18
CA MET B 400 -32.45 6.96 -9.02
C MET B 400 -31.37 8.00 -9.28
N LYS B 401 -30.22 7.55 -9.78
CA LYS B 401 -29.09 8.45 -10.06
C LYS B 401 -29.29 9.26 -11.34
N TYR B 402 -29.96 8.64 -12.32
CA TYR B 402 -30.20 9.28 -13.61
C TYR B 402 -31.68 9.22 -13.98
N PRO B 403 -32.41 10.31 -13.68
CA PRO B 403 -33.83 10.39 -14.04
C PRO B 403 -34.08 10.33 -15.56
N LYS B 404 -33.13 10.84 -16.34
CA LYS B 404 -33.29 10.90 -17.80
C LYS B 404 -32.52 9.81 -18.55
N LEU B 405 -32.51 8.62 -17.96
CA LEU B 405 -31.87 7.44 -18.52
C LEU B 405 -32.58 6.96 -19.79
N VAL B 406 -31.86 6.95 -20.91
CA VAL B 406 -32.43 6.55 -22.19
C VAL B 406 -32.39 5.04 -22.37
N ASN B 407 -31.22 4.43 -22.13
CA ASN B 407 -31.09 2.96 -22.16
C ASN B 407 -29.97 2.49 -21.26
N ALA B 408 -29.94 1.18 -21.01
CA ALA B 408 -28.82 0.53 -20.36
C ALA B 408 -28.44 -0.77 -21.09
N SER B 409 -27.33 -0.73 -21.82
CA SER B 409 -26.84 -1.87 -22.56
C SER B 409 -26.04 -2.79 -21.64
N VAL B 410 -26.20 -4.09 -21.84
CA VAL B 410 -25.54 -5.09 -21.02
C VAL B 410 -24.77 -6.05 -21.93
N ILE B 411 -23.45 -5.99 -21.90
CA ILE B 411 -22.62 -6.95 -22.63
C ILE B 411 -22.15 -8.09 -21.74
N GLU B 412 -22.44 -9.31 -22.17
CA GLU B 412 -22.09 -10.52 -21.43
C GLU B 412 -20.59 -10.72 -21.36
N ASP B 413 -19.90 -10.31 -22.42
CA ASP B 413 -18.45 -10.32 -22.46
C ASP B 413 -17.91 -8.95 -22.06
N GLY B 414 -16.68 -8.90 -21.57
CA GLY B 414 -16.03 -7.63 -21.26
C GLY B 414 -15.90 -7.31 -19.79
N GLY B 415 -14.87 -6.54 -19.46
CA GLY B 415 -14.60 -6.11 -18.09
C GLY B 415 -14.53 -4.59 -17.97
N HIS B 416 -13.64 -4.14 -17.08
CA HIS B 416 -13.57 -2.74 -16.68
C HIS B 416 -13.08 -1.79 -17.74
N PHE B 417 -12.04 -2.17 -18.49
CA PHE B 417 -11.45 -1.29 -19.50
C PHE B 417 -12.11 -1.49 -20.86
N LEU B 418 -13.38 -1.12 -20.95
CA LEU B 418 -14.23 -1.46 -22.10
C LEU B 418 -13.71 -1.04 -23.47
N ALA B 419 -13.39 0.25 -23.62
CA ALA B 419 -12.95 0.77 -24.90
C ALA B 419 -11.65 0.11 -25.33
N PHE B 420 -10.82 -0.23 -24.35
CA PHE B 420 -9.51 -0.81 -24.59
C PHE B 420 -9.64 -2.31 -24.85
N GLU B 421 -10.61 -2.94 -24.20
CA GLU B 421 -10.82 -4.37 -24.31
C GLU B 421 -11.58 -4.73 -25.58
N LEU B 422 -12.66 -3.99 -25.85
CA LEU B 422 -13.57 -4.27 -26.95
C LEU B 422 -13.89 -3.00 -27.75
N PRO B 423 -12.90 -2.49 -28.51
CA PRO B 423 -13.03 -1.20 -29.19
C PRO B 423 -14.27 -1.06 -30.10
N GLU B 424 -14.56 -2.11 -30.87
CA GLU B 424 -15.66 -2.05 -31.86
C GLU B 424 -17.02 -2.04 -31.22
N ILE B 425 -17.23 -2.96 -30.28
CA ILE B 425 -18.47 -3.02 -29.51
C ILE B 425 -18.65 -1.73 -28.71
N PHE B 426 -17.54 -1.17 -28.24
CA PHE B 426 -17.55 0.13 -27.57
C PHE B 426 -18.06 1.24 -28.51
N ALA B 427 -17.33 1.46 -29.61
CA ALA B 427 -17.66 2.51 -30.58
C ALA B 427 -19.10 2.44 -31.07
N LYS B 428 -19.53 1.23 -31.44
CA LYS B 428 -20.90 0.94 -31.82
C LYS B 428 -21.93 1.40 -30.78
N ASP B 429 -21.72 1.10 -29.50
CA ASP B 429 -22.68 1.47 -28.45
C ASP B 429 -22.75 2.98 -28.25
N VAL B 430 -21.60 3.65 -28.38
CA VAL B 430 -21.47 5.10 -28.23
C VAL B 430 -22.18 5.83 -29.37
N LEU B 431 -21.92 5.38 -30.61
CA LEU B 431 -22.63 5.93 -31.77
C LEU B 431 -24.14 5.75 -31.70
N LYS B 432 -24.58 4.60 -31.20
CA LYS B 432 -26.01 4.34 -31.07
C LYS B 432 -26.64 5.29 -30.05
N ALA B 433 -25.97 5.45 -28.92
CA ALA B 433 -26.44 6.32 -27.85
C ALA B 433 -26.59 7.77 -28.32
N ILE B 434 -25.59 8.26 -29.05
CA ILE B 434 -25.59 9.63 -29.56
C ILE B 434 -26.67 9.81 -30.63
N GLY B 435 -26.89 8.76 -31.43
CA GLY B 435 -27.96 8.73 -32.42
C GLY B 435 -29.34 8.87 -31.78
N GLU B 436 -29.54 8.15 -30.68
CA GLU B 436 -30.80 8.21 -29.94
C GLU B 436 -30.95 9.55 -29.25
N PHE B 437 -29.82 10.10 -28.76
CA PHE B 437 -29.86 11.40 -28.09
C PHE B 437 -30.39 12.49 -29.02
N ARG B 438 -29.93 12.46 -30.27
CA ARG B 438 -30.29 13.46 -31.27
C ARG B 438 -31.75 13.37 -31.72
N LYS B 439 -32.40 12.24 -31.43
CA LYS B 439 -33.78 12.01 -31.82
C LYS B 439 -34.78 12.37 -30.72
N LEU B 440 -34.29 12.58 -29.51
CA LEU B 440 -35.14 12.87 -28.36
C LEU B 440 -35.73 14.27 -28.42
N LYS B 441 -34.84 15.26 -28.49
CA LYS B 441 -35.19 16.69 -28.50
C LYS B 441 -36.47 16.99 -29.27
N ASN B 442 -36.59 16.39 -30.46
CA ASN B 442 -37.77 16.53 -31.32
C ASN B 442 -38.92 15.63 -30.88
#